data_6BKZ
#
_entry.id   6BKZ
#
_cell.length_a   83.463
_cell.length_b   83.463
_cell.length_c   299.255
_cell.angle_alpha   90.00
_cell.angle_beta   90.00
_cell.angle_gamma   90.00
#
_symmetry.space_group_name_H-M   'P 43 21 2'
#
loop_
_entity.id
_entity.type
_entity.pdbx_description
1 polymer 'Isocitrate dehydrogenase [NADP] cytoplasmic'
2 non-polymer 'NADP NICOTINAMIDE-ADENINE-DINUCLEOTIDE PHOSPHATE'
3 non-polymer (7R)-1-[(4-fluorophenyl)methyl]-N-{3-[(1R)-1-hydroxyethyl]phenyl}-7-methyl-5-(1H-pyrrole-2-carbonyl)-4,5,6,7-tetrahydro-1H-pyrazolo[4,3-c]pyridine-3-carboxamide
4 water water
#
_entity_poly.entity_id   1
_entity_poly.type   'polypeptide(L)'
_entity_poly.pdbx_seq_one_letter_code
;MSKKISGGSVVEMQGDEMTRIIWELIKEKLIFPYVELDLHSYDLGIENRDATNDQVTKDAAEAIKKHNVGVKCATITPDE
KRVEEFKLKQMWKSPNGTIRNILGGTVFREAIICKNIPRLVSGWVKPIIIGRHAYGDQYRATDFVVPGPGKVEITYTPSD
GTQKVTYLVHNFEEGGGVAMGMYNQDKSIEDFAHSSFQMALSKGWPLYLSTKNTILKKYDGRFKDIFQEIYDKQYKSQFE
AQKIWYEHRLIDDMVAQAMKSEGGFIWACKNYDGDVQSDSVAQGYGSLGMMTSVLVCPDGKTVEAEAAHGTVTRHYRMYQ
KGQETSTNPIASIFAWTRGLAHRAKLDNNKELAFFANALEEVSIETIEAGFMTKDLAACIKGLPNVQRSDYLNTFEFMDK
LGENLKIKLAQAKLSLEHHHHHHHH
;
_entity_poly.pdbx_strand_id   A,B
#
# COMPACT_ATOMS: atom_id res chain seq x y z
N LYS A 3 -27.11 21.06 35.79
CA LYS A 3 -25.71 21.43 35.58
C LYS A 3 -25.05 20.57 34.47
N LYS A 4 -23.85 21.00 34.03
CA LYS A 4 -23.08 20.34 32.97
C LYS A 4 -22.29 19.15 33.54
N ILE A 5 -21.85 18.24 32.66
CA ILE A 5 -21.01 17.11 33.05
C ILE A 5 -19.60 17.66 33.42
N SER A 6 -19.04 17.17 34.52
CA SER A 6 -17.69 17.52 34.96
C SER A 6 -16.80 16.51 34.25
N GLY A 7 -16.16 16.96 33.17
CA GLY A 7 -15.35 16.10 32.31
C GLY A 7 -13.91 15.85 32.68
N GLY A 8 -13.34 16.70 33.51
CA GLY A 8 -11.95 16.49 33.93
C GLY A 8 -10.91 17.11 33.00
N SER A 9 -9.70 16.56 33.06
CA SER A 9 -8.48 17.05 32.40
C SER A 9 -8.27 16.57 30.95
N VAL A 10 -8.32 17.52 30.00
CA VAL A 10 -8.16 17.21 28.57
C VAL A 10 -7.19 18.22 27.95
N VAL A 11 -6.26 17.70 27.14
CA VAL A 11 -5.30 18.50 26.40
C VAL A 11 -5.89 18.68 25.01
N GLU A 12 -6.08 19.93 24.60
CA GLU A 12 -6.66 20.25 23.29
C GLU A 12 -5.66 21.08 22.47
N MET A 13 -5.44 20.70 21.21
CA MET A 13 -4.53 21.45 20.34
C MET A 13 -5.28 22.04 19.14
N GLN A 14 -5.34 23.38 19.08
CA GLN A 14 -5.99 24.12 17.99
C GLN A 14 -5.08 24.06 16.75
N GLY A 15 -5.69 24.06 15.57
CA GLY A 15 -4.91 23.92 14.34
C GLY A 15 -5.02 25.03 13.34
N ASP A 16 -5.07 24.64 12.06
CA ASP A 16 -5.04 25.57 10.96
C ASP A 16 -6.18 25.50 9.99
N GLU A 17 -6.38 26.60 9.28
CA GLU A 17 -7.26 26.76 8.11
C GLU A 17 -8.69 26.26 8.33
N MET A 18 -9.26 25.41 7.43
CA MET A 18 -10.68 25.03 7.55
C MET A 18 -10.98 24.23 8.82
N THR A 19 -10.07 23.34 9.20
CA THR A 19 -10.22 22.52 10.41
C THR A 19 -10.23 23.39 11.66
N ARG A 20 -9.49 24.52 11.67
CA ARG A 20 -9.50 25.44 12.83
C ARG A 20 -10.91 26.06 12.99
N ILE A 21 -11.61 26.37 11.88
CA ILE A 21 -12.97 26.94 11.89
C ILE A 21 -13.96 25.91 12.46
N ILE A 22 -13.94 24.70 11.91
CA ILE A 22 -14.77 23.58 12.34
C ILE A 22 -14.50 23.19 13.81
N TRP A 23 -13.21 23.17 14.22
CA TRP A 23 -12.80 22.83 15.60
C TRP A 23 -13.45 23.74 16.61
N GLU A 24 -13.48 25.07 16.32
CA GLU A 24 -14.17 26.03 17.20
C GLU A 24 -15.67 25.81 17.21
N LEU A 25 -16.26 25.44 16.05
CA LEU A 25 -17.69 25.15 15.96
C LEU A 25 -18.04 23.92 16.80
N ILE A 26 -17.21 22.85 16.73
CA ILE A 26 -17.41 21.63 17.53
C ILE A 26 -17.47 21.97 19.03
N LYS A 27 -16.47 22.72 19.51
CA LYS A 27 -16.38 23.10 20.92
C LYS A 27 -17.58 23.96 21.34
N GLU A 28 -17.89 25.01 20.58
CA GLU A 28 -18.98 25.91 20.92
C GLU A 28 -20.35 25.28 20.82
N LYS A 29 -20.59 24.41 19.83
CA LYS A 29 -21.92 23.84 19.62
C LYS A 29 -22.13 22.44 20.17
N LEU A 30 -21.09 21.61 20.25
CA LEU A 30 -21.30 20.21 20.66
C LEU A 30 -20.72 19.86 22.01
N ILE A 31 -19.60 20.49 22.40
CA ILE A 31 -18.92 20.11 23.63
C ILE A 31 -19.27 21.03 24.83
N PHE A 32 -18.90 22.31 24.74
CA PHE A 32 -19.03 23.29 25.82
C PHE A 32 -20.47 23.44 26.36
N PRO A 33 -21.57 23.37 25.55
CA PRO A 33 -22.92 23.48 26.16
C PRO A 33 -23.27 22.30 27.10
N TYR A 34 -22.49 21.21 27.08
CA TYR A 34 -22.80 20.04 27.88
C TYR A 34 -21.73 19.59 28.84
N VAL A 35 -20.46 19.92 28.56
CA VAL A 35 -19.34 19.40 29.35
C VAL A 35 -18.43 20.55 29.82
N GLU A 36 -18.03 20.51 31.10
CA GLU A 36 -17.07 21.45 31.68
C GLU A 36 -15.72 20.73 31.74
N LEU A 37 -14.66 21.35 31.19
CA LEU A 37 -13.35 20.72 31.23
C LEU A 37 -12.27 21.52 31.92
N ASP A 38 -11.29 20.83 32.56
CA ASP A 38 -10.05 21.47 33.05
C ASP A 38 -9.21 21.40 31.79
N LEU A 39 -9.46 22.36 30.90
CA LEU A 39 -8.91 22.35 29.56
C LEU A 39 -7.51 22.94 29.44
N HIS A 40 -6.57 22.09 29.01
CA HIS A 40 -5.17 22.45 28.75
C HIS A 40 -5.11 22.71 27.24
N SER A 41 -5.30 23.96 26.86
CA SER A 41 -5.43 24.32 25.45
C SER A 41 -4.16 24.97 24.88
N TYR A 42 -3.65 24.39 23.77
CA TYR A 42 -2.44 24.82 23.08
C TYR A 42 -2.75 25.27 21.66
N ASP A 43 -2.26 26.44 21.27
CA ASP A 43 -2.53 26.93 19.93
C ASP A 43 -1.41 26.45 18.99
N LEU A 44 -1.68 25.37 18.21
CA LEU A 44 -0.70 24.85 17.25
C LEU A 44 -0.93 25.46 15.85
N GLY A 45 -1.59 26.61 15.79
CA GLY A 45 -1.73 27.34 14.53
C GLY A 45 -0.32 27.66 14.04
N ILE A 46 -0.08 27.61 12.71
CA ILE A 46 1.25 27.82 12.13
C ILE A 46 1.91 29.16 12.57
N GLU A 47 1.14 30.26 12.64
CA GLU A 47 1.65 31.57 13.07
C GLU A 47 2.15 31.49 14.53
N ASN A 48 1.43 30.74 15.41
CA ASN A 48 1.85 30.60 16.80
C ASN A 48 3.07 29.70 16.95
N ARG A 49 3.16 28.64 16.12
CA ARG A 49 4.34 27.77 16.15
C ARG A 49 5.55 28.57 15.70
N ASP A 50 5.39 29.40 14.65
CA ASP A 50 6.47 30.25 14.18
C ASP A 50 6.90 31.25 15.29
N ALA A 51 5.91 31.95 15.88
CA ALA A 51 6.14 32.94 16.95
C ALA A 51 6.83 32.35 18.18
N THR A 52 6.50 31.10 18.56
CA THR A 52 7.09 30.45 19.74
C THR A 52 8.34 29.61 19.40
N ASN A 53 8.80 29.62 18.13
CA ASN A 53 9.92 28.76 17.68
C ASN A 53 9.62 27.29 17.95
N ASP A 54 8.34 26.90 17.72
CA ASP A 54 7.78 25.55 17.88
C ASP A 54 7.74 25.06 19.34
N GLN A 55 7.97 25.97 20.32
CA GLN A 55 7.94 25.57 21.72
C GLN A 55 6.52 25.13 22.14
N VAL A 56 5.50 25.76 21.56
CA VAL A 56 4.11 25.41 21.87
C VAL A 56 3.85 23.88 21.62
N THR A 57 4.42 23.32 20.54
CA THR A 57 4.22 21.91 20.18
C THR A 57 4.81 20.96 21.21
N LYS A 58 6.03 21.31 21.66
CA LYS A 58 6.74 20.53 22.66
C LYS A 58 5.99 20.60 23.99
N ASP A 59 5.44 21.81 24.32
CA ASP A 59 4.67 21.96 25.55
C ASP A 59 3.37 21.16 25.50
N ALA A 60 2.69 21.14 24.35
CA ALA A 60 1.46 20.39 24.18
C ALA A 60 1.76 18.90 24.32
N ALA A 61 2.90 18.41 23.78
CA ALA A 61 3.26 16.98 23.93
C ALA A 61 3.55 16.59 25.38
N GLU A 62 4.24 17.47 26.13
CA GLU A 62 4.49 17.23 27.55
C GLU A 62 3.19 17.21 28.34
N ALA A 63 2.22 18.08 27.96
CA ALA A 63 0.92 18.12 28.63
C ALA A 63 0.14 16.81 28.40
N ILE A 64 0.21 16.23 27.18
CA ILE A 64 -0.48 14.95 26.91
C ILE A 64 0.15 13.84 27.79
N LYS A 65 1.47 13.84 27.90
CA LYS A 65 2.20 12.85 28.72
C LYS A 65 1.73 12.92 30.19
N LYS A 66 1.51 14.15 30.70
CA LYS A 66 1.07 14.41 32.07
C LYS A 66 -0.41 14.10 32.29
N HIS A 67 -1.30 14.52 31.37
CA HIS A 67 -2.74 14.41 31.58
C HIS A 67 -3.40 13.20 30.88
N ASN A 68 -2.64 12.45 30.01
CA ASN A 68 -3.05 11.20 29.35
C ASN A 68 -4.05 11.31 28.20
N VAL A 69 -4.69 12.46 28.02
CA VAL A 69 -5.70 12.58 26.97
C VAL A 69 -5.41 13.80 26.12
N GLY A 70 -5.20 13.57 24.84
CA GLY A 70 -4.97 14.65 23.88
C GLY A 70 -5.92 14.57 22.70
N VAL A 71 -6.48 15.72 22.28
CA VAL A 71 -7.38 15.88 21.14
C VAL A 71 -6.78 16.98 20.26
N LYS A 72 -6.39 16.63 19.04
CA LYS A 72 -5.66 17.52 18.16
C LYS A 72 -6.38 17.87 16.87
N CYS A 73 -6.39 19.16 16.52
CA CYS A 73 -6.94 19.69 15.27
C CYS A 73 -5.87 19.54 14.17
N ALA A 74 -6.28 19.35 12.91
CA ALA A 74 -5.30 19.22 11.81
C ALA A 74 -4.44 20.50 11.72
N THR A 75 -3.15 20.31 11.46
CA THR A 75 -2.18 21.41 11.38
C THR A 75 -1.43 21.41 10.05
N ILE A 76 -0.99 22.60 9.62
CA ILE A 76 -0.14 22.76 8.43
C ILE A 76 1.28 22.21 8.74
N THR A 77 1.78 21.33 7.85
CA THR A 77 3.17 20.88 7.91
C THR A 77 3.87 21.74 6.83
N PRO A 78 4.77 22.63 7.26
CA PRO A 78 5.44 23.54 6.31
C PRO A 78 6.32 22.87 5.24
N ASP A 79 6.22 23.38 4.01
CA ASP A 79 7.06 23.04 2.86
C ASP A 79 7.57 24.41 2.33
N GLU A 80 8.33 24.43 1.23
CA GLU A 80 8.86 25.69 0.69
C GLU A 80 7.76 26.73 0.41
N LYS A 81 6.61 26.29 -0.14
CA LYS A 81 5.49 27.19 -0.43
C LYS A 81 4.90 27.83 0.85
N ARG A 82 4.76 27.04 1.93
CA ARG A 82 4.23 27.54 3.22
C ARG A 82 5.19 28.56 3.87
N VAL A 83 6.51 28.29 3.75
CA VAL A 83 7.57 29.17 4.27
C VAL A 83 7.38 30.57 3.64
N GLU A 84 7.11 30.63 2.33
CA GLU A 84 6.89 31.87 1.59
C GLU A 84 5.55 32.49 1.94
N GLU A 85 4.49 31.66 2.06
CA GLU A 85 3.15 32.14 2.39
C GLU A 85 3.11 32.89 3.72
N PHE A 86 3.70 32.30 4.76
CA PHE A 86 3.65 32.85 6.11
C PHE A 86 4.96 33.51 6.55
N LYS A 87 5.98 33.57 5.66
CA LYS A 87 7.32 34.12 5.94
C LYS A 87 7.86 33.44 7.19
N LEU A 88 7.93 32.10 7.17
CA LEU A 88 8.36 31.33 8.33
C LEU A 88 9.85 31.46 8.56
N LYS A 89 10.28 31.31 9.84
CA LYS A 89 11.68 31.43 10.22
C LYS A 89 12.45 30.18 9.77
N GLN A 90 11.78 29.02 9.78
CA GLN A 90 12.35 27.72 9.46
C GLN A 90 11.23 26.87 8.82
N MET A 91 11.61 25.73 8.23
CA MET A 91 10.63 24.79 7.71
C MET A 91 10.35 23.87 8.93
N TRP A 92 9.45 24.32 9.83
CA TRP A 92 9.13 23.59 11.07
C TRP A 92 8.71 22.16 10.80
N LYS A 93 9.13 21.24 11.66
CA LYS A 93 8.79 19.82 11.57
C LYS A 93 7.31 19.64 11.88
N SER A 94 6.73 18.60 11.29
CA SER A 94 5.33 18.22 11.50
C SER A 94 5.01 18.16 13.02
N PRO A 95 3.97 18.87 13.54
CA PRO A 95 3.65 18.74 14.97
C PRO A 95 3.29 17.30 15.32
N ASN A 96 2.67 16.54 14.38
CA ASN A 96 2.38 15.12 14.60
C ASN A 96 3.68 14.32 14.90
N GLY A 97 4.71 14.53 14.09
CA GLY A 97 6.01 13.89 14.26
C GLY A 97 6.63 14.20 15.60
N THR A 98 6.62 15.49 15.99
CA THR A 98 7.14 15.97 17.28
C THR A 98 6.41 15.31 18.44
N ILE A 99 5.06 15.31 18.42
CA ILE A 99 4.25 14.70 19.48
C ILE A 99 4.52 13.19 19.57
N ARG A 100 4.52 12.51 18.42
CA ARG A 100 4.76 11.07 18.29
C ARG A 100 6.13 10.70 18.85
N ASN A 101 7.18 11.49 18.54
CA ASN A 101 8.55 11.25 19.06
C ASN A 101 8.63 11.39 20.58
N ILE A 102 7.87 12.35 21.15
CA ILE A 102 7.87 12.58 22.58
C ILE A 102 7.08 11.53 23.34
N LEU A 103 5.92 11.14 22.83
CA LEU A 103 5.08 10.17 23.54
C LEU A 103 5.42 8.71 23.26
N GLY A 104 5.81 8.39 22.03
CA GLY A 104 5.99 7.02 21.60
C GLY A 104 4.61 6.47 21.29
N GLY A 105 4.49 5.16 21.16
CA GLY A 105 3.21 4.53 20.87
C GLY A 105 3.02 4.12 19.42
N THR A 106 1.84 3.55 19.10
CA THR A 106 1.44 3.10 17.77
C THR A 106 0.17 3.82 17.37
N VAL A 107 0.08 4.23 16.09
CA VAL A 107 -1.06 4.92 15.50
C VAL A 107 -2.00 3.87 14.87
N PHE A 108 -3.28 3.97 15.23
CA PHE A 108 -4.34 3.11 14.70
C PHE A 108 -5.34 3.99 13.95
N ARG A 109 -5.84 3.54 12.80
CA ARG A 109 -6.83 4.24 12.01
C ARG A 109 -8.20 3.62 12.20
N GLU A 110 -9.20 4.43 12.52
CA GLU A 110 -10.54 3.92 12.70
C GLU A 110 -11.56 4.68 11.90
N ALA A 111 -12.21 3.97 10.99
CA ALA A 111 -13.25 4.50 10.14
C ALA A 111 -14.56 4.74 10.92
N ILE A 112 -15.35 5.66 10.44
CA ILE A 112 -16.68 5.96 10.94
C ILE A 112 -17.56 5.42 9.82
N ILE A 113 -18.45 4.50 10.19
CA ILE A 113 -19.29 3.82 9.20
C ILE A 113 -20.75 4.20 9.31
N CYS A 114 -21.37 4.53 8.15
CA CYS A 114 -22.76 4.90 7.98
C CYS A 114 -23.35 3.97 6.94
N LYS A 115 -24.51 3.36 7.25
CA LYS A 115 -25.19 2.36 6.38
C LYS A 115 -25.44 2.85 4.92
N ASN A 116 -25.68 4.15 4.73
CA ASN A 116 -25.94 4.73 3.41
C ASN A 116 -24.67 5.22 2.68
N ILE A 117 -23.49 5.09 3.32
CA ILE A 117 -22.24 5.57 2.74
C ILE A 117 -21.45 4.39 2.19
N PRO A 118 -21.20 4.35 0.87
CA PRO A 118 -20.47 3.20 0.30
C PRO A 118 -19.06 3.09 0.84
N ARG A 119 -18.57 1.86 0.88
CA ARG A 119 -17.27 1.46 1.41
C ARG A 119 -16.60 0.60 0.35
N LEU A 120 -15.27 0.37 0.49
CA LEU A 120 -14.50 -0.46 -0.45
C LEU A 120 -15.12 -1.87 -0.57
N VAL A 121 -15.54 -2.44 0.57
CA VAL A 121 -16.17 -3.75 0.67
C VAL A 121 -17.53 -3.51 1.30
N SER A 122 -18.63 -3.81 0.57
CA SER A 122 -20.02 -3.62 1.01
C SER A 122 -20.32 -4.25 2.37
N GLY A 123 -19.81 -5.46 2.58
CA GLY A 123 -19.99 -6.22 3.82
C GLY A 123 -19.32 -5.68 5.06
N TRP A 124 -18.43 -4.65 4.93
CA TRP A 124 -17.76 -4.03 6.10
C TRP A 124 -18.77 -3.23 6.88
N VAL A 125 -19.17 -3.72 8.06
CA VAL A 125 -20.19 -3.11 8.91
C VAL A 125 -19.59 -2.61 10.23
N LYS A 126 -18.39 -3.10 10.56
CA LYS A 126 -17.62 -2.70 11.75
C LYS A 126 -16.21 -2.33 11.26
N PRO A 127 -15.53 -1.34 11.84
CA PRO A 127 -14.21 -0.96 11.31
C PRO A 127 -13.12 -2.00 11.47
N ILE A 128 -12.16 -1.95 10.57
CA ILE A 128 -10.95 -2.76 10.63
C ILE A 128 -9.92 -1.74 11.12
N ILE A 129 -9.51 -1.85 12.38
CA ILE A 129 -8.59 -0.90 13.00
C ILE A 129 -7.15 -1.29 12.73
N ILE A 130 -6.58 -0.57 11.81
CA ILE A 130 -5.29 -0.86 11.25
C ILE A 130 -4.23 0.07 11.76
N GLY A 131 -3.11 -0.53 12.12
CA GLY A 131 -1.95 0.16 12.65
C GLY A 131 -0.69 -0.56 12.28
N ARG A 132 0.38 0.19 12.03
CA ARG A 132 1.65 -0.43 11.68
C ARG A 132 2.76 -0.06 12.64
N HIS A 133 3.75 -0.95 12.75
CA HIS A 133 4.93 -0.67 13.56
C HIS A 133 5.68 0.50 12.89
N ALA A 134 6.23 1.41 13.68
CA ALA A 134 7.05 2.49 13.15
C ALA A 134 7.99 2.96 14.24
N TYR A 135 9.28 3.07 13.91
CA TYR A 135 10.28 3.60 14.84
C TYR A 135 10.13 5.13 14.83
N GLY A 136 10.59 5.80 15.88
CA GLY A 136 10.53 7.25 15.97
C GLY A 136 11.55 7.95 15.09
N ASP A 137 11.65 9.29 15.20
CA ASP A 137 12.65 10.06 14.45
C ASP A 137 14.03 9.92 15.08
N GLN A 138 14.08 9.49 16.37
CA GLN A 138 15.29 9.24 17.15
C GLN A 138 16.11 8.10 16.50
N TYR A 139 15.42 7.14 15.84
CA TYR A 139 16.05 6.03 15.13
C TYR A 139 16.99 6.53 14.04
N ARG A 140 18.24 6.07 14.12
CA ARG A 140 19.26 6.42 13.14
C ARG A 140 19.68 5.13 12.42
N ALA A 141 19.37 5.07 11.11
CA ALA A 141 19.74 3.97 10.24
C ALA A 141 21.23 4.12 9.93
N THR A 142 21.94 3.01 9.77
CA THR A 142 23.35 3.10 9.43
C THR A 142 23.53 2.92 7.93
N ASP A 143 23.27 3.96 7.15
CA ASP A 143 23.44 3.88 5.68
C ASP A 143 24.63 4.72 5.25
N PHE A 144 25.30 4.29 4.18
CA PHE A 144 26.50 4.96 3.67
C PHE A 144 26.70 4.65 2.20
N VAL A 145 27.54 5.46 1.54
CA VAL A 145 27.94 5.26 0.15
C VAL A 145 29.06 4.23 0.14
N VAL A 146 29.03 3.33 -0.82
CA VAL A 146 30.12 2.36 -1.07
C VAL A 146 30.84 3.02 -2.25
N PRO A 147 32.02 3.68 -2.02
CA PRO A 147 32.65 4.47 -3.08
C PRO A 147 33.21 3.70 -4.25
N GLY A 148 33.47 2.43 -4.07
CA GLY A 148 34.00 1.58 -5.11
C GLY A 148 34.04 0.11 -4.72
N PRO A 149 34.64 -0.74 -5.56
CA PRO A 149 34.70 -2.18 -5.24
C PRO A 149 35.27 -2.51 -3.85
N GLY A 150 34.76 -3.59 -3.28
CA GLY A 150 35.14 -4.05 -1.96
C GLY A 150 34.01 -4.79 -1.31
N LYS A 151 34.27 -5.42 -0.19
CA LYS A 151 33.24 -6.19 0.48
C LYS A 151 32.58 -5.43 1.62
N VAL A 152 31.28 -5.63 1.73
CA VAL A 152 30.49 -5.06 2.83
C VAL A 152 30.07 -6.28 3.65
N GLU A 153 30.38 -6.28 4.95
CA GLU A 153 30.05 -7.39 5.84
C GLU A 153 29.40 -6.80 7.08
N ILE A 154 28.53 -7.57 7.70
CA ILE A 154 27.87 -7.20 8.94
C ILE A 154 28.23 -8.27 9.99
N THR A 155 28.70 -7.85 11.15
CA THR A 155 29.15 -8.77 12.17
C THR A 155 28.38 -8.57 13.44
N TYR A 156 28.16 -9.67 14.16
CA TYR A 156 27.55 -9.66 15.46
C TYR A 156 28.56 -10.26 16.44
N THR A 157 28.93 -9.47 17.45
CA THR A 157 29.88 -9.87 18.48
C THR A 157 29.15 -9.90 19.84
N PRO A 158 28.80 -11.09 20.38
CA PRO A 158 28.16 -11.14 21.71
C PRO A 158 29.05 -10.52 22.80
N SER A 159 28.44 -9.91 23.82
CA SER A 159 29.15 -9.27 24.93
C SER A 159 30.09 -10.21 25.70
N ASP A 160 29.79 -11.54 25.72
CA ASP A 160 30.58 -12.52 26.44
C ASP A 160 31.87 -12.99 25.71
N GLY A 161 32.18 -12.37 24.56
CA GLY A 161 33.38 -12.60 23.74
C GLY A 161 33.64 -14.01 23.23
N THR A 162 32.66 -14.93 23.39
CA THR A 162 32.76 -16.35 23.00
C THR A 162 32.55 -16.63 21.50
N GLN A 163 31.77 -15.79 20.80
CA GLN A 163 31.48 -15.98 19.38
C GLN A 163 31.69 -14.73 18.56
N LYS A 164 31.64 -14.89 17.23
CA LYS A 164 31.68 -13.82 16.25
C LYS A 164 31.04 -14.40 14.98
N VAL A 165 29.99 -13.76 14.50
CA VAL A 165 29.31 -14.17 13.27
C VAL A 165 29.48 -13.04 12.28
N THR A 166 30.06 -13.34 11.14
CA THR A 166 30.23 -12.37 10.06
C THR A 166 29.36 -12.83 8.91
N TYR A 167 28.52 -11.93 8.41
CA TYR A 167 27.66 -12.20 7.27
C TYR A 167 28.12 -11.31 6.12
N LEU A 168 28.22 -11.86 4.92
CA LEU A 168 28.58 -11.07 3.74
C LEU A 168 27.31 -10.38 3.24
N VAL A 169 27.32 -9.04 3.16
CA VAL A 169 26.18 -8.32 2.64
C VAL A 169 26.30 -8.37 1.12
N HIS A 170 27.48 -7.99 0.60
CA HIS A 170 27.77 -8.02 -0.82
C HIS A 170 29.26 -7.77 -1.06
N ASN A 171 29.81 -8.40 -2.09
CA ASN A 171 31.15 -8.11 -2.56
C ASN A 171 30.96 -7.26 -3.82
N PHE A 172 31.20 -5.95 -3.73
CA PHE A 172 31.06 -5.04 -4.87
C PHE A 172 32.26 -5.30 -5.78
N GLU A 173 32.03 -5.93 -6.93
CA GLU A 173 33.11 -6.28 -7.85
C GLU A 173 33.23 -5.25 -8.95
N GLU A 174 32.09 -4.80 -9.43
CA GLU A 174 31.93 -3.76 -10.43
C GLU A 174 31.33 -2.58 -9.67
N GLY A 175 32.01 -1.45 -9.76
CA GLY A 175 31.63 -0.19 -9.13
C GLY A 175 31.23 -0.17 -7.66
N GLY A 176 30.72 0.98 -7.25
CA GLY A 176 30.23 1.17 -5.91
C GLY A 176 28.71 1.14 -5.87
N GLY A 177 28.18 1.80 -4.88
CA GLY A 177 26.75 1.88 -4.63
C GLY A 177 26.49 2.38 -3.24
N VAL A 178 25.58 1.72 -2.55
CA VAL A 178 25.17 2.11 -1.21
C VAL A 178 24.93 0.83 -0.39
N ALA A 179 25.06 0.96 0.94
CA ALA A 179 24.83 -0.14 1.85
C ALA A 179 24.24 0.40 3.11
N MET A 180 23.53 -0.43 3.84
CA MET A 180 22.98 -0.02 5.11
C MET A 180 22.95 -1.18 6.08
N GLY A 181 22.97 -0.85 7.36
CA GLY A 181 22.78 -1.77 8.47
C GLY A 181 21.55 -1.28 9.21
N MET A 182 20.63 -2.15 9.51
CA MET A 182 19.40 -1.74 10.20
C MET A 182 19.17 -2.66 11.38
N TYR A 183 18.44 -2.20 12.39
CA TYR A 183 18.14 -3.05 13.55
C TYR A 183 16.76 -2.73 14.14
N ASN A 184 16.25 -3.65 14.96
CA ASN A 184 15.05 -3.51 15.74
C ASN A 184 15.36 -4.09 17.11
N GLN A 185 15.11 -3.30 18.13
CA GLN A 185 15.26 -3.73 19.49
C GLN A 185 13.95 -4.48 19.83
N ASP A 186 14.10 -5.56 20.62
CA ASP A 186 13.01 -6.37 21.13
C ASP A 186 11.99 -5.48 21.86
N LYS A 187 12.49 -4.47 22.64
CA LYS A 187 11.65 -3.53 23.40
C LYS A 187 10.66 -2.80 22.48
N SER A 188 11.11 -2.38 21.29
CA SER A 188 10.28 -1.70 20.30
C SER A 188 9.13 -2.62 19.78
N ILE A 189 9.45 -3.92 19.58
CA ILE A 189 8.48 -4.91 19.12
C ILE A 189 7.47 -5.17 20.24
N GLU A 190 7.98 -5.30 21.49
CA GLU A 190 7.20 -5.52 22.72
C GLU A 190 6.20 -4.36 22.90
N ASP A 191 6.64 -3.10 22.73
CA ASP A 191 5.79 -1.91 22.79
C ASP A 191 4.66 -1.95 21.76
N PHE A 192 4.98 -2.35 20.52
CA PHE A 192 4.02 -2.49 19.43
C PHE A 192 2.98 -3.56 19.80
N ALA A 193 3.45 -4.68 20.38
CA ALA A 193 2.59 -5.80 20.81
C ALA A 193 1.61 -5.34 21.90
N HIS A 194 2.12 -4.71 22.98
CA HIS A 194 1.34 -4.20 24.11
C HIS A 194 0.25 -3.22 23.67
N SER A 195 0.60 -2.23 22.81
CA SER A 195 -0.35 -1.27 22.25
C SER A 195 -1.45 -1.99 21.49
N SER A 196 -1.08 -2.99 20.68
CA SER A 196 -2.03 -3.77 19.87
C SER A 196 -2.98 -4.62 20.72
N PHE A 197 -2.44 -5.34 21.74
CA PHE A 197 -3.26 -6.14 22.65
C PHE A 197 -4.22 -5.26 23.45
N GLN A 198 -3.74 -4.10 23.94
CA GLN A 198 -4.57 -3.17 24.71
C GLN A 198 -5.67 -2.51 23.84
N MET A 199 -5.38 -2.25 22.55
CA MET A 199 -6.36 -1.71 21.60
C MET A 199 -7.50 -2.74 21.41
N ALA A 200 -7.14 -4.03 21.22
CA ALA A 200 -8.09 -5.12 21.03
C ALA A 200 -8.99 -5.31 22.26
N LEU A 201 -8.44 -5.19 23.49
CA LEU A 201 -9.21 -5.32 24.74
C LEU A 201 -10.11 -4.10 24.95
N SER A 202 -9.59 -2.90 24.61
CA SER A 202 -10.30 -1.62 24.65
C SER A 202 -11.55 -1.64 23.78
N LYS A 203 -11.49 -2.31 22.63
CA LYS A 203 -12.60 -2.42 21.67
C LYS A 203 -13.43 -3.67 21.87
N GLY A 204 -12.85 -4.67 22.53
CA GLY A 204 -13.48 -5.98 22.72
C GLY A 204 -13.51 -6.78 21.44
N TRP A 205 -12.46 -6.60 20.59
CA TRP A 205 -12.36 -7.26 19.29
C TRP A 205 -11.13 -8.13 19.17
N PRO A 206 -11.12 -9.13 18.25
CA PRO A 206 -9.90 -9.93 18.07
C PRO A 206 -8.75 -9.14 17.43
N LEU A 207 -7.51 -9.61 17.63
CA LEU A 207 -6.32 -9.00 17.06
C LEU A 207 -5.64 -9.97 16.11
N TYR A 208 -5.20 -9.47 14.97
CA TYR A 208 -4.40 -10.19 14.00
C TYR A 208 -3.11 -9.42 13.78
N LEU A 209 -2.01 -10.14 13.66
CA LEU A 209 -0.70 -9.59 13.30
C LEU A 209 -0.39 -10.13 11.91
N SER A 210 0.04 -9.27 10.98
CA SER A 210 0.46 -9.71 9.65
C SER A 210 1.92 -9.44 9.41
N THR A 211 2.56 -10.38 8.70
CA THR A 211 3.95 -10.34 8.23
C THR A 211 3.92 -10.92 6.84
N LYS A 212 4.89 -10.53 6.03
CA LYS A 212 5.08 -10.99 4.66
C LYS A 212 5.73 -12.40 4.64
N ASN A 213 6.83 -12.56 5.40
CA ASN A 213 7.63 -13.78 5.52
C ASN A 213 8.16 -14.31 4.15
N THR A 214 8.64 -13.39 3.29
CA THR A 214 9.16 -13.69 1.96
C THR A 214 10.62 -13.22 1.78
N ILE A 215 11.07 -12.12 2.43
CA ILE A 215 12.45 -11.64 2.22
C ILE A 215 13.25 -11.62 3.54
N LEU A 216 12.82 -10.81 4.51
CA LEU A 216 13.48 -10.70 5.83
C LEU A 216 12.72 -11.59 6.82
N LYS A 217 12.82 -12.92 6.64
CA LYS A 217 12.11 -13.90 7.45
C LYS A 217 12.48 -13.90 8.95
N LYS A 218 13.74 -13.56 9.28
CA LYS A 218 14.17 -13.54 10.69
C LYS A 218 13.61 -12.32 11.42
N TYR A 219 13.44 -11.20 10.66
CA TYR A 219 12.83 -9.96 11.12
C TYR A 219 11.39 -10.22 11.41
N ASP A 220 10.67 -10.76 10.41
CA ASP A 220 9.26 -11.11 10.50
C ASP A 220 8.99 -12.12 11.62
N GLY A 221 9.88 -13.11 11.76
CA GLY A 221 9.79 -14.18 12.74
C GLY A 221 9.87 -13.71 14.17
N ARG A 222 10.70 -12.69 14.41
CA ARG A 222 10.87 -12.09 15.73
C ARG A 222 9.59 -11.40 16.17
N PHE A 223 8.89 -10.71 15.24
CA PHE A 223 7.61 -10.05 15.54
C PHE A 223 6.58 -11.12 15.91
N LYS A 224 6.47 -12.16 15.08
CA LYS A 224 5.56 -13.28 15.29
C LYS A 224 5.80 -13.95 16.67
N ASP A 225 7.07 -14.29 17.01
CA ASP A 225 7.41 -14.93 18.29
C ASP A 225 7.12 -14.05 19.50
N ILE A 226 7.45 -12.76 19.42
CA ILE A 226 7.24 -11.83 20.53
C ILE A 226 5.76 -11.61 20.82
N PHE A 227 4.93 -11.40 19.77
CA PHE A 227 3.48 -11.20 19.92
C PHE A 227 2.86 -12.45 20.59
N GLN A 228 3.23 -13.66 20.10
CA GLN A 228 2.74 -14.93 20.62
C GLN A 228 3.10 -15.13 22.09
N GLU A 229 4.37 -14.84 22.47
CA GLU A 229 4.88 -14.94 23.86
C GLU A 229 4.11 -14.01 24.78
N ILE A 230 3.97 -12.73 24.37
CA ILE A 230 3.25 -11.70 25.15
C ILE A 230 1.77 -12.08 25.31
N TYR A 231 1.15 -12.65 24.27
CA TYR A 231 -0.23 -13.09 24.33
C TYR A 231 -0.39 -14.20 25.36
N ASP A 232 0.41 -15.28 25.22
CA ASP A 232 0.38 -16.45 26.10
C ASP A 232 0.62 -16.11 27.57
N LYS A 233 1.56 -15.21 27.85
CA LYS A 233 1.98 -14.83 29.18
C LYS A 233 1.18 -13.69 29.85
N GLN A 234 0.58 -12.78 29.05
CA GLN A 234 -0.07 -11.63 29.67
C GLN A 234 -1.49 -11.31 29.22
N TYR A 235 -1.97 -11.84 28.09
CA TYR A 235 -3.29 -11.43 27.62
C TYR A 235 -4.28 -12.55 27.32
N LYS A 236 -3.82 -13.80 27.09
CA LYS A 236 -4.69 -14.93 26.71
C LYS A 236 -5.96 -15.06 27.59
N SER A 237 -5.82 -15.00 28.94
CA SER A 237 -6.94 -15.09 29.89
C SER A 237 -7.95 -13.99 29.62
N GLN A 238 -7.48 -12.71 29.59
CA GLN A 238 -8.31 -11.52 29.35
C GLN A 238 -9.07 -11.60 28.03
N PHE A 239 -8.41 -12.06 26.95
CA PHE A 239 -9.02 -12.24 25.64
C PHE A 239 -10.14 -13.30 25.67
N GLU A 240 -9.85 -14.50 26.25
CA GLU A 240 -10.82 -15.60 26.40
C GLU A 240 -12.07 -15.17 27.18
N ALA A 241 -11.88 -14.30 28.20
CA ALA A 241 -12.93 -13.73 29.04
C ALA A 241 -13.83 -12.75 28.27
N GLN A 242 -13.34 -12.20 27.14
CA GLN A 242 -14.08 -11.26 26.30
C GLN A 242 -14.51 -11.92 24.99
N LYS A 243 -14.31 -13.25 24.90
CA LYS A 243 -14.63 -14.11 23.74
C LYS A 243 -13.91 -13.64 22.45
N ILE A 244 -12.70 -13.07 22.63
CA ILE A 244 -11.87 -12.63 21.53
C ILE A 244 -10.59 -13.48 21.47
N TRP A 245 -9.74 -13.28 20.47
CA TRP A 245 -8.54 -14.09 20.27
C TRP A 245 -7.44 -13.32 19.54
N TYR A 246 -6.22 -13.86 19.57
CA TYR A 246 -5.09 -13.33 18.83
C TYR A 246 -4.56 -14.38 17.83
N GLU A 247 -4.38 -14.00 16.55
CA GLU A 247 -3.81 -14.89 15.54
C GLU A 247 -2.83 -14.17 14.60
N HIS A 248 -1.78 -14.88 14.15
CA HIS A 248 -0.85 -14.35 13.16
C HIS A 248 -1.33 -14.84 11.81
N ARG A 249 -1.22 -14.00 10.78
CA ARG A 249 -1.56 -14.35 9.41
C ARG A 249 -0.55 -13.75 8.45
N LEU A 250 -0.31 -14.41 7.34
CA LEU A 250 0.53 -13.93 6.25
C LEU A 250 -0.28 -12.81 5.57
N ILE A 251 0.39 -11.76 5.07
CA ILE A 251 -0.27 -10.59 4.46
C ILE A 251 -1.34 -10.99 3.45
N ASP A 252 -0.99 -11.87 2.49
CA ASP A 252 -1.88 -12.32 1.40
C ASP A 252 -3.16 -12.95 1.92
N ASP A 253 -3.04 -13.75 2.98
CA ASP A 253 -4.17 -14.38 3.64
C ASP A 253 -4.97 -13.31 4.38
N MET A 254 -4.27 -12.36 5.04
CA MET A 254 -4.93 -11.26 5.75
C MET A 254 -5.77 -10.39 4.83
N VAL A 255 -5.25 -10.00 3.64
CA VAL A 255 -5.98 -9.17 2.65
C VAL A 255 -7.23 -9.93 2.18
N ALA A 256 -7.10 -11.21 1.79
CA ALA A 256 -8.21 -12.01 1.30
C ALA A 256 -9.27 -12.19 2.39
N GLN A 257 -8.85 -12.41 3.65
CA GLN A 257 -9.75 -12.55 4.81
C GLN A 257 -10.47 -11.22 5.09
N ALA A 258 -9.72 -10.09 5.11
CA ALA A 258 -10.32 -8.79 5.37
C ALA A 258 -11.41 -8.47 4.33
N MET A 259 -11.16 -8.84 3.05
CA MET A 259 -12.02 -8.66 1.86
C MET A 259 -13.35 -9.42 1.94
N LYS A 260 -13.39 -10.51 2.71
CA LYS A 260 -14.57 -11.37 2.88
C LYS A 260 -15.12 -11.25 4.30
N SER A 261 -14.58 -10.28 5.06
CA SER A 261 -14.94 -10.06 6.44
C SER A 261 -16.04 -9.00 6.56
N GLU A 262 -16.65 -8.94 7.73
CA GLU A 262 -17.62 -7.92 8.06
C GLU A 262 -16.92 -6.82 8.88
N GLY A 263 -15.63 -6.99 9.13
CA GLY A 263 -14.82 -6.08 9.93
C GLY A 263 -14.92 -6.41 11.41
N GLY A 264 -14.55 -5.46 12.25
CA GLY A 264 -14.61 -5.66 13.69
C GLY A 264 -13.41 -6.40 14.24
N PHE A 265 -12.19 -5.97 13.84
CA PHE A 265 -10.94 -6.54 14.35
C PHE A 265 -9.82 -5.55 14.31
N ILE A 266 -8.79 -5.81 15.10
CA ILE A 266 -7.57 -5.02 15.14
C ILE A 266 -6.57 -5.71 14.25
N TRP A 267 -5.95 -4.93 13.37
CA TRP A 267 -4.97 -5.41 12.42
C TRP A 267 -3.62 -4.69 12.67
N ALA A 268 -2.67 -5.35 13.35
CA ALA A 268 -1.31 -4.82 13.57
C ALA A 268 -0.46 -5.32 12.41
N CYS A 269 0.11 -4.39 11.63
CA CYS A 269 0.94 -4.70 10.46
C CYS A 269 2.39 -4.54 10.78
N LYS A 270 3.19 -5.54 10.40
CA LYS A 270 4.63 -5.36 10.42
C LYS A 270 4.86 -4.33 9.26
N ASN A 271 5.75 -3.37 9.49
CA ASN A 271 6.01 -2.33 8.47
C ASN A 271 6.96 -2.81 7.37
N TYR A 272 6.69 -2.39 6.14
CA TYR A 272 7.54 -2.62 4.97
C TYR A 272 7.71 -1.24 4.31
N ASP A 273 8.55 -0.42 4.95
CA ASP A 273 8.82 0.96 4.56
C ASP A 273 9.27 1.12 3.11
N GLY A 274 8.79 2.19 2.49
CA GLY A 274 9.13 2.44 1.10
C GLY A 274 8.14 1.84 0.12
N ASP A 275 7.26 0.92 0.54
CA ASP A 275 6.27 0.43 -0.42
C ASP A 275 4.90 1.01 -0.07
N VAL A 276 3.85 0.63 -0.81
CA VAL A 276 2.48 1.08 -0.60
C VAL A 276 1.89 0.21 0.53
N GLN A 277 1.81 0.78 1.73
CA GLN A 277 1.35 0.07 2.91
C GLN A 277 -0.14 0.23 3.13
N SER A 278 -0.79 -0.84 3.62
CA SER A 278 -2.21 -0.89 3.95
C SER A 278 -2.62 0.27 4.87
N ASP A 279 -1.78 0.62 5.86
CA ASP A 279 -2.03 1.75 6.78
C ASP A 279 -2.12 3.11 6.02
N SER A 280 -1.26 3.33 4.99
CA SER A 280 -1.29 4.58 4.19
C SER A 280 -2.53 4.59 3.29
N VAL A 281 -2.87 3.42 2.72
CA VAL A 281 -4.04 3.28 1.85
C VAL A 281 -5.31 3.55 2.64
N ALA A 282 -5.40 2.98 3.87
CA ALA A 282 -6.53 3.20 4.77
C ALA A 282 -6.89 4.73 4.91
N GLN A 283 -5.87 5.61 4.90
CA GLN A 283 -6.05 7.07 5.07
C GLN A 283 -6.85 7.74 3.96
N GLY A 284 -6.98 7.07 2.80
CA GLY A 284 -7.78 7.56 1.70
C GLY A 284 -9.25 7.66 2.02
N TYR A 285 -9.75 6.82 2.97
CA TYR A 285 -11.12 6.91 3.48
C TYR A 285 -11.21 8.20 4.38
N GLY A 286 -10.07 8.58 4.96
CA GLY A 286 -9.97 9.79 5.79
C GLY A 286 -10.21 11.05 4.98
N SER A 287 -9.98 11.01 3.62
CA SER A 287 -10.23 12.14 2.72
C SER A 287 -11.74 12.47 2.64
N LEU A 288 -12.62 11.54 3.07
CA LEU A 288 -14.07 11.80 3.16
C LEU A 288 -14.43 12.50 4.47
N GLY A 289 -13.46 12.64 5.39
CA GLY A 289 -13.66 13.15 6.74
C GLY A 289 -14.32 12.07 7.60
N MET A 290 -14.06 10.79 7.30
CA MET A 290 -14.75 9.67 7.99
C MET A 290 -13.80 8.69 8.67
N MET A 291 -12.65 9.19 9.12
CA MET A 291 -11.61 8.41 9.77
C MET A 291 -10.82 9.20 10.81
N THR A 292 -10.51 8.56 11.94
CA THR A 292 -9.60 9.13 12.96
C THR A 292 -8.26 8.38 12.97
N SER A 293 -7.25 8.99 13.56
CA SER A 293 -5.92 8.41 13.80
C SER A 293 -5.71 8.56 15.28
N VAL A 294 -5.47 7.45 15.95
CA VAL A 294 -5.33 7.46 17.40
C VAL A 294 -3.97 6.89 17.76
N LEU A 295 -3.15 7.69 18.44
CA LEU A 295 -1.87 7.25 18.94
C LEU A 295 -2.15 6.61 20.29
N VAL A 296 -1.79 5.35 20.41
CA VAL A 296 -1.96 4.61 21.66
C VAL A 296 -0.59 4.17 22.15
N CYS A 297 -0.26 4.54 23.37
CA CYS A 297 1.01 4.25 24.00
C CYS A 297 0.96 2.83 24.62
N PRO A 298 2.09 2.12 24.83
CA PRO A 298 1.99 0.76 25.39
C PRO A 298 1.47 0.72 26.83
N ASP A 299 1.59 1.88 27.56
CA ASP A 299 1.13 2.05 28.95
C ASP A 299 -0.37 1.76 29.09
N GLY A 300 -1.11 1.89 27.98
CA GLY A 300 -2.56 1.75 27.88
C GLY A 300 -3.33 2.95 28.44
N LYS A 301 -2.60 3.93 29.03
CA LYS A 301 -3.15 5.11 29.71
C LYS A 301 -3.19 6.37 28.88
N THR A 302 -2.19 6.59 28.01
CA THR A 302 -2.08 7.82 27.22
C THR A 302 -2.63 7.61 25.81
N VAL A 303 -3.52 8.50 25.38
CA VAL A 303 -4.15 8.48 24.04
C VAL A 303 -4.14 9.89 23.42
N GLU A 304 -3.76 9.99 22.13
CA GLU A 304 -3.82 11.24 21.38
C GLU A 304 -4.64 10.97 20.13
N ALA A 305 -5.77 11.68 19.98
CA ALA A 305 -6.71 11.47 18.86
C ALA A 305 -6.81 12.66 17.94
N GLU A 306 -6.89 12.38 16.63
CA GLU A 306 -7.03 13.42 15.63
C GLU A 306 -7.73 12.91 14.41
N ALA A 307 -8.23 13.80 13.56
CA ALA A 307 -8.88 13.43 12.31
C ALA A 307 -7.80 12.88 11.33
N ALA A 308 -8.14 11.86 10.51
CA ALA A 308 -7.17 11.33 9.52
C ALA A 308 -7.33 12.04 8.16
N HIS A 309 -7.12 13.35 8.17
CA HIS A 309 -7.11 14.24 7.00
C HIS A 309 -6.33 15.50 7.41
N GLY A 310 -6.09 16.40 6.47
CA GLY A 310 -5.39 17.64 6.77
C GLY A 310 -6.30 18.81 7.06
N THR A 311 -5.78 20.04 6.79
CA THR A 311 -6.50 21.29 7.09
C THR A 311 -7.58 21.65 6.06
N VAL A 312 -7.68 20.90 4.95
CA VAL A 312 -8.69 21.13 3.90
C VAL A 312 -8.52 22.54 3.29
N THR A 313 -7.27 22.87 2.90
CA THR A 313 -6.86 24.16 2.29
C THR A 313 -7.79 24.57 1.17
N ARG A 314 -8.13 23.65 0.24
CA ARG A 314 -9.01 23.96 -0.88
C ARG A 314 -10.32 24.55 -0.41
N HIS A 315 -10.95 24.00 0.65
CA HIS A 315 -12.18 24.55 1.21
C HIS A 315 -11.94 25.86 1.92
N TYR A 316 -10.81 25.95 2.65
CA TYR A 316 -10.46 27.20 3.33
C TYR A 316 -10.36 28.40 2.32
N ARG A 317 -9.79 28.20 1.12
CA ARG A 317 -9.66 29.25 0.07
C ARG A 317 -11.04 29.75 -0.38
N MET A 318 -12.02 28.82 -0.52
CA MET A 318 -13.41 29.13 -0.87
C MET A 318 -14.05 29.94 0.23
N TYR A 319 -13.87 29.50 1.48
CA TYR A 319 -14.34 30.21 2.66
C TYR A 319 -13.76 31.64 2.68
N GLN A 320 -12.45 31.81 2.37
CA GLN A 320 -11.80 33.15 2.36
C GLN A 320 -12.42 34.09 1.31
N LYS A 321 -12.90 33.54 0.18
CA LYS A 321 -13.52 34.31 -0.92
C LYS A 321 -15.03 34.48 -0.73
N GLY A 322 -15.55 34.03 0.41
CA GLY A 322 -16.97 34.11 0.72
C GLY A 322 -17.81 33.08 -0.01
N GLN A 323 -17.17 32.04 -0.55
CA GLN A 323 -17.87 30.97 -1.26
C GLN A 323 -18.39 29.92 -0.26
N GLU A 324 -19.51 29.29 -0.60
CA GLU A 324 -20.11 28.23 0.22
C GLU A 324 -19.18 27.03 0.25
N THR A 325 -19.01 26.42 1.43
CA THR A 325 -18.17 25.23 1.62
C THR A 325 -19.01 24.14 2.21
N SER A 326 -18.55 22.89 2.08
CA SER A 326 -19.25 21.76 2.65
C SER A 326 -18.17 20.83 3.16
N THR A 327 -17.60 21.15 4.34
CA THR A 327 -16.50 20.37 4.91
C THR A 327 -17.07 19.41 5.94
N ASN A 328 -16.67 18.15 5.85
CA ASN A 328 -17.18 17.13 6.77
C ASN A 328 -16.49 17.21 8.14
N PRO A 329 -17.24 17.52 9.22
CA PRO A 329 -16.60 17.62 10.55
C PRO A 329 -16.55 16.31 11.35
N ILE A 330 -17.12 15.19 10.79
CA ILE A 330 -17.25 13.90 11.49
C ILE A 330 -15.95 13.40 12.11
N ALA A 331 -14.86 13.37 11.35
CA ALA A 331 -13.55 12.88 11.83
C ALA A 331 -13.06 13.73 13.00
N SER A 332 -13.20 15.07 12.93
CA SER A 332 -12.82 15.99 14.02
C SER A 332 -13.70 15.78 15.27
N ILE A 333 -15.01 15.52 15.08
CA ILE A 333 -15.94 15.21 16.20
C ILE A 333 -15.53 13.89 16.86
N PHE A 334 -15.16 12.88 16.05
CA PHE A 334 -14.76 11.59 16.60
C PHE A 334 -13.39 11.65 17.25
N ALA A 335 -12.53 12.64 16.91
CA ALA A 335 -11.26 12.84 17.64
C ALA A 335 -11.68 13.25 19.08
N TRP A 336 -12.66 14.15 19.22
CA TRP A 336 -13.18 14.58 20.55
C TRP A 336 -13.82 13.43 21.33
N THR A 337 -14.77 12.69 20.71
CA THR A 337 -15.48 11.58 21.39
C THR A 337 -14.57 10.46 21.78
N ARG A 338 -13.57 10.14 20.93
CA ARG A 338 -12.62 9.06 21.24
C ARG A 338 -11.72 9.52 22.39
N GLY A 339 -11.37 10.80 22.41
CA GLY A 339 -10.61 11.38 23.50
C GLY A 339 -11.38 11.40 24.82
N LEU A 340 -12.63 11.91 24.79
CA LEU A 340 -13.51 12.00 25.95
C LEU A 340 -13.90 10.63 26.50
N ALA A 341 -14.11 9.64 25.63
CA ALA A 341 -14.41 8.26 26.05
C ALA A 341 -13.23 7.70 26.82
N HIS A 342 -11.99 8.00 26.39
CA HIS A 342 -10.79 7.53 27.10
C HIS A 342 -10.66 8.22 28.46
N ARG A 343 -10.90 9.54 28.52
CA ARG A 343 -10.91 10.31 29.76
C ARG A 343 -11.95 9.69 30.76
N ALA A 344 -13.17 9.36 30.25
CA ALA A 344 -14.24 8.75 31.05
C ALA A 344 -13.82 7.40 31.62
N LYS A 345 -13.12 6.58 30.82
CA LYS A 345 -12.61 5.28 31.24
C LYS A 345 -11.59 5.40 32.36
N LEU A 346 -10.64 6.34 32.23
CA LEU A 346 -9.58 6.54 33.23
C LEU A 346 -10.11 7.04 34.56
N ASP A 347 -11.15 7.88 34.52
CA ASP A 347 -11.77 8.50 35.69
C ASP A 347 -13.00 7.77 36.19
N ASN A 348 -13.45 6.69 35.49
CA ASN A 348 -14.69 5.96 35.80
C ASN A 348 -15.87 6.96 35.82
N ASN A 349 -15.94 7.82 34.80
CA ASN A 349 -16.96 8.87 34.67
C ASN A 349 -18.06 8.41 33.74
N LYS A 350 -19.13 7.80 34.33
CA LYS A 350 -20.28 7.26 33.60
C LYS A 350 -21.02 8.29 32.79
N GLU A 351 -21.21 9.51 33.32
CA GLU A 351 -21.90 10.59 32.63
C GLU A 351 -21.11 11.03 31.38
N LEU A 352 -19.78 11.13 31.48
CA LEU A 352 -18.95 11.54 30.34
C LEU A 352 -18.94 10.45 29.27
N ALA A 353 -18.89 9.18 29.70
CA ALA A 353 -18.92 8.00 28.82
C ALA A 353 -20.22 7.96 28.05
N PHE A 354 -21.37 8.27 28.72
CA PHE A 354 -22.68 8.34 28.03
C PHE A 354 -22.64 9.45 26.98
N PHE A 355 -22.18 10.65 27.36
CA PHE A 355 -22.11 11.79 26.45
C PHE A 355 -21.33 11.49 25.15
N ALA A 356 -20.08 11.02 25.28
CA ALA A 356 -19.17 10.68 24.16
C ALA A 356 -19.88 9.69 23.21
N ASN A 357 -20.51 8.62 23.75
CA ASN A 357 -21.21 7.66 22.94
C ASN A 357 -22.45 8.28 22.26
N ALA A 358 -23.19 9.14 22.98
CA ALA A 358 -24.38 9.79 22.43
C ALA A 358 -24.01 10.70 21.25
N LEU A 359 -22.87 11.42 21.33
CA LEU A 359 -22.43 12.30 20.25
C LEU A 359 -22.03 11.49 19.00
N GLU A 360 -21.42 10.34 19.20
CA GLU A 360 -21.06 9.41 18.10
C GLU A 360 -22.32 8.91 17.41
N GLU A 361 -23.32 8.49 18.22
CA GLU A 361 -24.61 8.00 17.68
C GLU A 361 -25.36 9.08 16.91
N VAL A 362 -25.43 10.30 17.45
CA VAL A 362 -26.07 11.45 16.82
C VAL A 362 -25.46 11.72 15.44
N SER A 363 -24.11 11.67 15.35
CA SER A 363 -23.35 11.95 14.14
C SER A 363 -23.71 10.94 13.04
N ILE A 364 -23.65 9.65 13.37
CA ILE A 364 -23.98 8.56 12.43
C ILE A 364 -25.47 8.63 12.02
N GLU A 365 -26.36 8.88 13.00
CA GLU A 365 -27.80 8.94 12.75
C GLU A 365 -28.18 10.10 11.83
N THR A 366 -27.53 11.26 11.98
CA THR A 366 -27.78 12.43 11.14
C THR A 366 -27.49 12.11 9.68
N ILE A 367 -26.30 11.51 9.40
CA ILE A 367 -25.90 11.10 8.03
C ILE A 367 -26.84 10.04 7.50
N GLU A 368 -27.17 9.04 8.33
CA GLU A 368 -28.07 7.94 7.95
C GLU A 368 -29.51 8.40 7.67
N ALA A 369 -29.94 9.53 8.27
CA ALA A 369 -31.25 10.13 8.02
C ALA A 369 -31.20 10.97 6.73
N GLY A 370 -30.04 11.05 6.09
CA GLY A 370 -29.86 11.73 4.82
C GLY A 370 -29.35 13.17 4.88
N PHE A 371 -28.81 13.61 6.04
CA PHE A 371 -28.26 14.97 6.20
C PHE A 371 -26.76 14.86 6.21
N MET A 372 -26.09 15.36 5.15
CA MET A 372 -24.65 15.17 5.00
C MET A 372 -24.02 16.25 4.16
N THR A 373 -22.68 16.29 4.15
CA THR A 373 -21.89 17.24 3.38
C THR A 373 -21.76 16.73 1.93
N LYS A 374 -21.35 17.61 1.02
CA LYS A 374 -21.26 17.34 -0.42
C LYS A 374 -20.47 16.10 -0.78
N ASP A 375 -19.28 15.90 -0.18
CA ASP A 375 -18.43 14.75 -0.48
C ASP A 375 -19.11 13.41 -0.19
N LEU A 376 -19.94 13.35 0.85
CA LEU A 376 -20.68 12.12 1.18
C LEU A 376 -21.84 11.92 0.19
N ALA A 377 -22.51 13.03 -0.21
CA ALA A 377 -23.59 12.96 -1.20
C ALA A 377 -23.02 12.47 -2.55
N ALA A 378 -21.78 12.90 -2.91
CA ALA A 378 -21.08 12.50 -4.13
C ALA A 378 -20.68 11.02 -4.10
N CYS A 379 -20.39 10.45 -2.90
CA CYS A 379 -20.11 9.01 -2.73
C CYS A 379 -21.29 8.16 -3.15
N ILE A 380 -22.48 8.60 -2.79
CA ILE A 380 -23.70 7.85 -3.07
C ILE A 380 -24.12 8.02 -4.53
N LYS A 381 -24.27 9.28 -4.97
CA LYS A 381 -24.85 9.67 -6.25
C LYS A 381 -23.89 9.86 -7.42
N GLY A 382 -22.64 10.16 -7.13
CA GLY A 382 -21.64 10.51 -8.15
C GLY A 382 -21.63 12.02 -8.22
N LEU A 383 -20.45 12.64 -8.17
CA LEU A 383 -20.28 14.09 -8.17
C LEU A 383 -21.04 14.83 -9.31
N PRO A 384 -21.06 14.36 -10.60
CA PRO A 384 -21.86 15.10 -11.60
C PRO A 384 -23.37 15.10 -11.36
N ASN A 385 -23.89 14.14 -10.57
CA ASN A 385 -25.33 14.03 -10.28
C ASN A 385 -25.79 14.69 -9.00
N VAL A 386 -24.86 15.26 -8.22
CA VAL A 386 -25.18 15.91 -6.95
C VAL A 386 -25.87 17.24 -7.17
N GLN A 387 -27.03 17.42 -6.54
CA GLN A 387 -27.80 18.66 -6.59
C GLN A 387 -27.62 19.34 -5.23
N ARG A 388 -27.80 20.66 -5.16
CA ARG A 388 -27.67 21.40 -3.92
C ARG A 388 -28.57 20.85 -2.79
N SER A 389 -29.77 20.31 -3.14
CA SER A 389 -30.73 19.74 -2.20
C SER A 389 -30.29 18.40 -1.60
N ASP A 390 -29.20 17.81 -2.12
CA ASP A 390 -28.65 16.52 -1.67
C ASP A 390 -27.69 16.69 -0.49
N TYR A 391 -27.24 17.92 -0.20
CA TYR A 391 -26.28 18.11 0.90
C TYR A 391 -26.48 19.37 1.70
N LEU A 392 -25.71 19.50 2.78
CA LEU A 392 -25.73 20.66 3.66
C LEU A 392 -24.35 21.28 3.62
N ASN A 393 -24.30 22.61 3.73
CA ASN A 393 -23.02 23.28 3.78
C ASN A 393 -22.45 23.06 5.20
N THR A 394 -21.18 23.38 5.41
CA THR A 394 -20.48 23.21 6.69
C THR A 394 -21.28 23.64 7.90
N PHE A 395 -21.74 24.90 7.89
CA PHE A 395 -22.50 25.53 8.96
C PHE A 395 -23.89 24.91 9.15
N GLU A 396 -24.61 24.58 8.04
CA GLU A 396 -25.93 23.94 8.12
C GLU A 396 -25.80 22.55 8.76
N PHE A 397 -24.76 21.79 8.38
CA PHE A 397 -24.52 20.44 8.91
C PHE A 397 -24.20 20.49 10.41
N MET A 398 -23.37 21.44 10.85
CA MET A 398 -23.07 21.61 12.26
C MET A 398 -24.33 21.99 13.04
N ASP A 399 -25.19 22.84 12.43
CA ASP A 399 -26.46 23.22 13.05
C ASP A 399 -27.36 22.01 13.22
N LYS A 400 -27.45 21.13 12.21
CA LYS A 400 -28.27 19.91 12.28
C LYS A 400 -27.76 18.97 13.37
N LEU A 401 -26.40 18.79 13.44
CA LEU A 401 -25.83 17.95 14.49
C LEU A 401 -26.16 18.50 15.88
N GLY A 402 -26.00 19.82 16.08
CA GLY A 402 -26.30 20.48 17.34
C GLY A 402 -27.75 20.30 17.73
N GLU A 403 -28.70 20.45 16.77
CA GLU A 403 -30.15 20.29 17.03
C GLU A 403 -30.42 18.84 17.44
N ASN A 404 -29.84 17.88 16.69
CA ASN A 404 -30.02 16.44 16.95
C ASN A 404 -29.42 16.01 18.26
N LEU A 405 -28.27 16.61 18.65
CA LEU A 405 -27.64 16.28 19.93
C LEU A 405 -28.50 16.78 21.10
N LYS A 406 -29.08 17.98 20.96
CA LYS A 406 -29.94 18.59 21.97
C LYS A 406 -31.13 17.66 22.27
N ILE A 407 -31.81 17.16 21.20
CA ILE A 407 -32.96 16.26 21.29
C ILE A 407 -32.57 14.96 21.97
N LYS A 408 -31.44 14.36 21.54
CA LYS A 408 -30.92 13.09 22.06
C LYS A 408 -30.66 13.16 23.56
N LEU A 409 -30.00 14.23 24.00
CA LEU A 409 -29.68 14.40 25.41
C LEU A 409 -30.91 14.75 26.27
N ALA A 410 -31.92 15.40 25.70
CA ALA A 410 -33.19 15.72 26.36
C ALA A 410 -33.94 14.41 26.62
N GLN A 411 -33.95 13.48 25.62
CA GLN A 411 -34.57 12.16 25.70
C GLN A 411 -33.94 11.30 26.79
N ALA A 412 -32.61 11.41 26.97
CA ALA A 412 -31.82 10.67 27.96
C ALA A 412 -32.23 11.01 29.39
N LYS A 413 -32.65 12.27 29.64
CA LYS A 413 -33.08 12.76 30.96
C LYS A 413 -34.38 12.11 31.42
N LEU A 414 -35.38 12.02 30.51
CA LEU A 414 -36.70 11.43 30.76
C LEU A 414 -36.80 10.02 30.18
N LYS B 3 -4.51 -12.89 -46.04
CA LYS B 3 -3.59 -13.77 -45.30
C LYS B 3 -3.41 -13.28 -43.85
N LYS B 4 -2.73 -14.09 -43.02
CA LYS B 4 -2.43 -13.78 -41.61
C LYS B 4 -1.27 -12.82 -41.48
N ILE B 5 -1.21 -12.10 -40.33
CA ILE B 5 -0.11 -11.18 -40.02
C ILE B 5 1.16 -12.04 -39.74
N SER B 6 2.29 -11.62 -40.29
CA SER B 6 3.57 -12.26 -40.05
C SER B 6 4.09 -11.54 -38.79
N GLY B 7 3.97 -12.23 -37.65
CA GLY B 7 4.32 -11.66 -36.34
C GLY B 7 5.75 -11.75 -35.89
N GLY B 8 6.53 -12.65 -36.48
CA GLY B 8 7.93 -12.80 -36.11
C GLY B 8 8.18 -13.72 -34.93
N SER B 9 9.30 -13.51 -34.25
CA SER B 9 9.87 -14.32 -33.18
C SER B 9 9.34 -14.02 -31.76
N VAL B 10 8.64 -14.98 -31.17
CA VAL B 10 8.06 -14.85 -29.83
C VAL B 10 8.36 -16.09 -29.01
N VAL B 11 8.78 -15.88 -27.75
CA VAL B 11 9.04 -16.95 -26.80
C VAL B 11 7.79 -17.08 -25.95
N GLU B 12 7.20 -18.27 -25.94
CA GLU B 12 5.97 -18.53 -25.20
C GLU B 12 6.21 -19.63 -24.17
N MET B 13 5.77 -19.41 -22.92
CA MET B 13 5.94 -20.40 -21.85
C MET B 13 4.59 -20.87 -21.35
N GLN B 14 4.29 -22.15 -21.57
CA GLN B 14 3.04 -22.80 -21.12
C GLN B 14 3.15 -23.06 -19.61
N GLY B 15 2.03 -23.00 -18.91
CA GLY B 15 2.03 -23.13 -17.47
C GLY B 15 1.22 -24.25 -16.89
N ASP B 16 0.55 -23.96 -15.77
CA ASP B 16 -0.17 -24.94 -15.00
C ASP B 16 -1.61 -24.65 -14.74
N GLU B 17 -2.36 -25.72 -14.41
CA GLU B 17 -3.74 -25.73 -13.95
C GLU B 17 -4.71 -24.88 -14.81
N MET B 18 -5.54 -24.00 -14.21
CA MET B 18 -6.57 -23.29 -14.98
C MET B 18 -6.00 -22.34 -16.02
N THR B 19 -4.90 -21.66 -15.70
CA THR B 19 -4.24 -20.73 -16.61
C THR B 19 -3.69 -21.46 -17.85
N ARG B 20 -3.28 -22.75 -17.70
CA ARG B 20 -2.80 -23.55 -18.83
C ARG B 20 -3.96 -23.78 -19.84
N ILE B 21 -5.18 -24.01 -19.33
CA ILE B 21 -6.38 -24.23 -20.14
C ILE B 21 -6.74 -22.96 -20.92
N ILE B 22 -6.82 -21.83 -20.21
CA ILE B 22 -7.12 -20.53 -20.79
C ILE B 22 -6.03 -20.12 -21.81
N TRP B 23 -4.76 -20.37 -21.50
CA TRP B 23 -3.61 -20.04 -22.38
C TRP B 23 -3.77 -20.71 -23.75
N GLU B 24 -4.17 -21.99 -23.78
CA GLU B 24 -4.43 -22.69 -25.04
C GLU B 24 -5.64 -22.13 -25.75
N LEU B 25 -6.68 -21.73 -25.01
CA LEU B 25 -7.87 -21.11 -25.60
C LEU B 25 -7.52 -19.77 -26.26
N ILE B 26 -6.70 -18.94 -25.57
CA ILE B 26 -6.24 -17.63 -26.12
C ILE B 26 -5.54 -17.85 -27.46
N LYS B 27 -4.57 -18.76 -27.50
CA LYS B 27 -3.81 -19.07 -28.72
C LYS B 27 -4.71 -19.57 -29.84
N GLU B 28 -5.57 -20.55 -29.56
CA GLU B 28 -6.41 -21.12 -30.59
C GLU B 28 -7.51 -20.19 -31.08
N LYS B 29 -8.08 -19.35 -30.20
CA LYS B 29 -9.20 -18.51 -30.58
C LYS B 29 -8.87 -17.06 -30.89
N LEU B 30 -7.83 -16.51 -30.29
CA LEU B 30 -7.56 -15.07 -30.47
C LEU B 30 -6.29 -14.75 -31.21
N ILE B 31 -5.26 -15.61 -31.07
CA ILE B 31 -3.97 -15.32 -31.67
C ILE B 31 -3.76 -16.02 -33.02
N PHE B 32 -3.69 -17.36 -33.02
CA PHE B 32 -3.39 -18.19 -34.19
C PHE B 32 -4.32 -17.92 -35.39
N PRO B 33 -5.66 -17.64 -35.26
CA PRO B 33 -6.47 -17.35 -36.47
C PRO B 33 -6.03 -16.08 -37.21
N TYR B 34 -5.22 -15.23 -36.58
CA TYR B 34 -4.85 -13.95 -37.18
C TYR B 34 -3.37 -13.71 -37.33
N VAL B 35 -2.54 -14.39 -36.52
CA VAL B 35 -1.10 -14.10 -36.51
C VAL B 35 -0.29 -15.38 -36.68
N GLU B 36 0.73 -15.36 -37.55
CA GLU B 36 1.69 -16.46 -37.74
C GLU B 36 2.96 -16.10 -36.98
N LEU B 37 3.43 -17.01 -36.10
CA LEU B 37 4.63 -16.73 -35.34
C LEU B 37 5.74 -17.74 -35.52
N ASP B 38 7.01 -17.29 -35.45
CA ASP B 38 8.18 -18.17 -35.35
C ASP B 38 8.22 -18.40 -33.84
N LEU B 39 7.37 -19.33 -33.41
CA LEU B 39 7.13 -19.54 -32.00
C LEU B 39 8.13 -20.46 -31.30
N HIS B 40 8.82 -19.90 -30.30
CA HIS B 40 9.78 -20.61 -29.45
C HIS B 40 8.96 -21.00 -28.19
N SER B 41 8.42 -22.20 -28.21
CA SER B 41 7.49 -22.62 -27.16
C SER B 41 8.12 -23.58 -26.15
N TYR B 42 8.05 -23.21 -24.85
CA TYR B 42 8.61 -23.96 -23.73
C TYR B 42 7.53 -24.42 -22.79
N ASP B 43 7.53 -25.70 -22.43
CA ASP B 43 6.52 -26.20 -21.53
C ASP B 43 7.02 -26.07 -20.09
N LEU B 44 6.55 -25.02 -19.38
CA LEU B 44 6.92 -24.83 -17.96
C LEU B 44 5.88 -25.46 -17.02
N GLY B 45 5.11 -26.43 -17.53
CA GLY B 45 4.20 -27.21 -16.68
C GLY B 45 5.06 -27.88 -15.61
N ILE B 46 4.54 -28.01 -14.37
CA ILE B 46 5.29 -28.59 -13.23
C ILE B 46 5.86 -30.00 -13.53
N GLU B 47 5.08 -30.85 -14.20
CA GLU B 47 5.51 -32.21 -14.55
C GLU B 47 6.72 -32.16 -15.51
N ASN B 48 6.73 -31.20 -16.47
CA ASN B 48 7.85 -31.07 -17.40
C ASN B 48 9.07 -30.49 -16.73
N ARG B 49 8.89 -29.55 -15.78
CA ARG B 49 10.02 -28.98 -15.05
C ARG B 49 10.65 -30.09 -14.21
N ASP B 50 9.82 -30.93 -13.57
CA ASP B 50 10.31 -32.06 -12.79
C ASP B 50 11.09 -33.05 -13.69
N ALA B 51 10.50 -33.43 -14.82
CA ALA B 51 11.08 -34.36 -15.79
C ALA B 51 12.41 -33.87 -16.36
N THR B 52 12.56 -32.54 -16.61
CA THR B 52 13.79 -31.98 -17.16
C THR B 52 14.77 -31.49 -16.09
N ASN B 53 14.47 -31.72 -14.79
CA ASN B 53 15.28 -31.21 -13.67
C ASN B 53 15.43 -29.69 -13.76
N ASP B 54 14.33 -29.00 -14.15
CA ASP B 54 14.19 -27.54 -14.30
C ASP B 54 15.04 -26.95 -15.45
N GLN B 55 15.57 -27.80 -16.33
CA GLN B 55 16.36 -27.31 -17.45
C GLN B 55 15.50 -26.51 -18.44
N VAL B 56 14.25 -26.91 -18.60
CA VAL B 56 13.32 -26.21 -19.50
C VAL B 56 13.23 -24.69 -19.12
N THR B 57 13.22 -24.37 -17.82
CA THR B 57 13.08 -22.98 -17.34
C THR B 57 14.27 -22.14 -17.73
N LYS B 58 15.47 -22.71 -17.57
CA LYS B 58 16.73 -22.06 -17.89
C LYS B 58 16.81 -21.85 -19.40
N ASP B 59 16.37 -22.86 -20.18
CA ASP B 59 16.34 -22.74 -21.66
C ASP B 59 15.33 -21.68 -22.10
N ALA B 60 14.16 -21.63 -21.43
CA ALA B 60 13.16 -20.60 -21.75
C ALA B 60 13.76 -19.19 -21.52
N ALA B 61 14.46 -19.00 -20.37
CA ALA B 61 15.09 -17.70 -20.04
C ALA B 61 16.17 -17.30 -21.06
N GLU B 62 16.99 -18.27 -21.50
CA GLU B 62 17.99 -18.01 -22.53
C GLU B 62 17.34 -17.65 -23.86
N ALA B 63 16.18 -18.27 -24.19
CA ALA B 63 15.46 -17.97 -25.44
C ALA B 63 14.91 -16.54 -25.41
N ILE B 64 14.41 -16.06 -24.24
CA ILE B 64 13.89 -14.69 -24.12
C ILE B 64 15.07 -13.72 -24.34
N LYS B 65 16.23 -14.02 -23.77
CA LYS B 65 17.43 -13.19 -23.91
C LYS B 65 17.84 -13.07 -25.40
N LYS B 66 17.73 -14.16 -26.15
CA LYS B 66 18.05 -14.21 -27.58
C LYS B 66 16.99 -13.55 -28.47
N HIS B 67 15.69 -13.79 -28.22
CA HIS B 67 14.62 -13.30 -29.11
C HIS B 67 13.89 -12.04 -28.64
N ASN B 68 14.18 -11.57 -27.41
CA ASN B 68 13.72 -10.31 -26.82
C ASN B 68 12.25 -10.22 -26.39
N VAL B 69 11.42 -11.19 -26.77
CA VAL B 69 10.01 -11.09 -26.39
C VAL B 69 9.59 -12.39 -25.74
N GLY B 70 9.12 -12.31 -24.51
CA GLY B 70 8.60 -13.47 -23.79
C GLY B 70 7.19 -13.24 -23.28
N VAL B 71 6.32 -14.26 -23.40
CA VAL B 71 4.92 -14.26 -22.93
C VAL B 71 4.77 -15.54 -22.09
N LYS B 72 4.50 -15.38 -20.80
CA LYS B 72 4.50 -16.48 -19.85
C LYS B 72 3.16 -16.73 -19.19
N CYS B 73 2.75 -18.01 -19.14
CA CYS B 73 1.54 -18.48 -18.48
C CYS B 73 1.86 -18.68 -16.98
N ALA B 74 0.87 -18.50 -16.08
CA ALA B 74 1.09 -18.70 -14.62
C ALA B 74 1.54 -20.13 -14.36
N THR B 75 2.49 -20.29 -13.44
CA THR B 75 3.07 -21.58 -13.09
C THR B 75 3.00 -21.86 -11.59
N ILE B 76 2.95 -23.16 -11.22
CA ILE B 76 2.97 -23.60 -9.84
C ILE B 76 4.40 -23.40 -9.27
N THR B 77 4.49 -22.77 -8.09
CA THR B 77 5.73 -22.69 -7.32
C THR B 77 5.60 -23.77 -6.22
N PRO B 78 6.41 -24.82 -6.32
CA PRO B 78 6.29 -25.93 -5.37
C PRO B 78 6.56 -25.60 -3.88
N ASP B 79 5.75 -26.17 -3.00
CA ASP B 79 5.88 -26.13 -1.54
C ASP B 79 5.78 -27.62 -1.11
N GLU B 80 5.81 -27.93 0.20
CA GLU B 80 5.74 -29.32 0.67
C GLU B 80 4.52 -30.06 0.15
N LYS B 81 3.34 -29.40 0.11
CA LYS B 81 2.10 -30.00 -0.40
C LYS B 81 2.21 -30.37 -1.90
N ARG B 82 2.81 -29.49 -2.70
CA ARG B 82 2.98 -29.73 -4.16
C ARG B 82 3.94 -30.88 -4.45
N VAL B 83 5.01 -30.98 -3.63
CA VAL B 83 6.02 -32.04 -3.71
C VAL B 83 5.28 -33.39 -3.54
N GLU B 84 4.38 -33.50 -2.52
CA GLU B 84 3.59 -34.71 -2.27
C GLU B 84 2.54 -34.96 -3.36
N GLU B 85 1.87 -33.88 -3.88
CA GLU B 85 0.84 -33.97 -4.92
C GLU B 85 1.38 -34.55 -6.22
N PHE B 86 2.54 -34.05 -6.69
CA PHE B 86 3.14 -34.45 -7.97
C PHE B 86 4.33 -35.39 -7.81
N LYS B 87 4.68 -35.77 -6.57
CA LYS B 87 5.82 -36.64 -6.23
C LYS B 87 7.07 -36.02 -6.87
N LEU B 88 7.36 -34.75 -6.53
CA LEU B 88 8.47 -34.03 -7.15
C LEU B 88 9.80 -34.52 -6.61
N LYS B 89 10.87 -34.39 -7.43
CA LYS B 89 12.21 -34.83 -7.05
C LYS B 89 12.79 -33.86 -6.03
N GLN B 90 12.47 -32.57 -6.15
CA GLN B 90 12.97 -31.46 -5.34
C GLN B 90 11.87 -30.43 -5.21
N MET B 91 12.06 -29.46 -4.29
CA MET B 91 11.14 -28.34 -4.17
C MET B 91 11.72 -27.30 -5.15
N TRP B 92 11.38 -27.44 -6.45
CA TRP B 92 11.92 -26.55 -7.50
C TRP B 92 11.63 -25.09 -7.21
N LYS B 93 12.58 -24.22 -7.54
CA LYS B 93 12.45 -22.77 -7.35
C LYS B 93 11.43 -22.22 -8.33
N SER B 94 10.80 -21.12 -7.94
CA SER B 94 9.81 -20.40 -8.75
C SER B 94 10.39 -20.14 -10.17
N PRO B 95 9.72 -20.54 -11.27
CA PRO B 95 10.25 -20.22 -12.62
C PRO B 95 10.34 -18.71 -12.81
N ASN B 96 9.41 -17.92 -12.20
CA ASN B 96 9.46 -16.45 -12.25
C ASN B 96 10.80 -15.94 -11.70
N GLY B 97 11.18 -16.42 -10.52
CA GLY B 97 12.43 -16.07 -9.85
C GLY B 97 13.63 -16.41 -10.70
N THR B 98 13.66 -17.65 -11.28
CA THR B 98 14.74 -18.10 -12.17
C THR B 98 14.87 -17.20 -13.39
N ILE B 99 13.74 -16.92 -14.09
CA ILE B 99 13.75 -16.08 -15.29
C ILE B 99 14.23 -14.66 -14.94
N ARG B 100 13.67 -14.09 -13.85
CA ARG B 100 13.98 -12.74 -13.36
C ARG B 100 15.49 -12.62 -13.03
N ASN B 101 16.07 -13.64 -12.36
CA ASN B 101 17.51 -13.66 -12.03
C ASN B 101 18.40 -13.72 -13.27
N ILE B 102 17.97 -14.44 -14.32
CA ILE B 102 18.75 -14.56 -15.56
C ILE B 102 18.67 -13.30 -16.39
N LEU B 103 17.45 -12.72 -16.53
CA LEU B 103 17.29 -11.55 -17.37
C LEU B 103 17.58 -10.21 -16.68
N GLY B 104 17.22 -10.07 -15.41
CA GLY B 104 17.31 -8.81 -14.68
C GLY B 104 16.30 -7.80 -15.22
N GLY B 105 16.21 -6.63 -14.60
CA GLY B 105 15.28 -5.63 -15.07
C GLY B 105 14.29 -5.13 -14.05
N THR B 106 13.36 -4.31 -14.52
CA THR B 106 12.34 -3.68 -13.69
C THR B 106 10.99 -4.33 -13.94
N VAL B 107 10.33 -4.69 -12.87
CA VAL B 107 8.98 -5.25 -12.99
C VAL B 107 7.93 -4.11 -12.94
N PHE B 108 7.21 -3.86 -14.05
CA PHE B 108 6.12 -2.88 -14.08
C PHE B 108 4.76 -3.58 -13.98
N ARG B 109 3.86 -3.07 -13.12
CA ARG B 109 2.51 -3.61 -12.91
C ARG B 109 1.47 -2.66 -13.45
N GLU B 110 0.59 -3.18 -14.34
CA GLU B 110 -0.40 -2.35 -15.04
C GLU B 110 -1.80 -2.98 -15.00
N ALA B 111 -2.74 -2.23 -14.45
CA ALA B 111 -4.15 -2.62 -14.41
C ALA B 111 -4.80 -2.44 -15.78
N ILE B 112 -5.80 -3.28 -16.07
CA ILE B 112 -6.71 -3.18 -17.23
C ILE B 112 -7.97 -2.49 -16.65
N ILE B 113 -8.32 -1.32 -17.18
CA ILE B 113 -9.43 -0.51 -16.66
C ILE B 113 -10.64 -0.64 -17.52
N CYS B 114 -11.77 -0.97 -16.91
CA CYS B 114 -13.11 -1.04 -17.53
C CYS B 114 -14.01 -0.08 -16.77
N LYS B 115 -14.70 0.82 -17.49
CA LYS B 115 -15.56 1.86 -16.92
C LYS B 115 -16.60 1.34 -15.88
N ASN B 116 -17.14 0.14 -16.11
CA ASN B 116 -18.17 -0.46 -15.25
C ASN B 116 -17.60 -1.33 -14.11
N ILE B 117 -16.25 -1.45 -14.03
CA ILE B 117 -15.61 -2.28 -13.02
C ILE B 117 -15.08 -1.41 -11.89
N PRO B 118 -15.63 -1.59 -10.66
CA PRO B 118 -15.14 -0.78 -9.51
C PRO B 118 -13.65 -0.99 -9.23
N ARG B 119 -13.06 0.03 -8.62
CA ARG B 119 -11.65 0.07 -8.22
C ARG B 119 -11.53 0.87 -6.91
N LEU B 120 -10.32 0.93 -6.35
CA LEU B 120 -10.08 1.65 -5.09
C LEU B 120 -10.55 3.12 -5.15
N VAL B 121 -10.11 3.88 -6.15
CA VAL B 121 -10.44 5.30 -6.32
C VAL B 121 -11.31 5.46 -7.59
N SER B 122 -12.58 5.93 -7.44
CA SER B 122 -13.53 6.18 -8.56
C SER B 122 -12.90 7.00 -9.69
N GLY B 123 -12.17 8.04 -9.31
CA GLY B 123 -11.50 8.97 -10.20
C GLY B 123 -10.35 8.41 -11.02
N TRP B 124 -9.86 7.18 -10.71
CA TRP B 124 -8.76 6.55 -11.49
C TRP B 124 -9.29 6.11 -12.86
N VAL B 125 -8.94 6.83 -13.90
CA VAL B 125 -9.44 6.55 -15.25
C VAL B 125 -8.31 6.07 -16.20
N LYS B 126 -7.07 6.32 -15.79
CA LYS B 126 -5.87 5.88 -16.51
C LYS B 126 -4.99 5.08 -15.54
N PRO B 127 -4.25 4.02 -15.96
CA PRO B 127 -3.49 3.23 -14.97
C PRO B 127 -2.34 3.98 -14.32
N ILE B 128 -2.03 3.56 -13.11
CA ILE B 128 -0.89 4.03 -12.37
C ILE B 128 0.08 2.87 -12.51
N ILE B 129 1.13 3.05 -13.31
CA ILE B 129 2.09 1.97 -13.59
C ILE B 129 3.23 1.99 -12.58
N ILE B 130 3.24 1.00 -11.66
CA ILE B 130 4.27 0.96 -10.62
C ILE B 130 5.38 0.00 -11.03
N GLY B 131 6.61 0.50 -11.00
CA GLY B 131 7.82 -0.26 -11.34
C GLY B 131 8.67 -0.47 -10.12
N ARG B 132 9.10 -1.72 -9.92
CA ARG B 132 9.97 -2.15 -8.82
C ARG B 132 11.12 -2.90 -9.45
N HIS B 133 12.35 -2.52 -9.13
CA HIS B 133 13.51 -3.18 -9.74
C HIS B 133 13.84 -4.53 -9.12
N ALA B 134 14.12 -5.52 -9.99
CA ALA B 134 14.49 -6.87 -9.59
C ALA B 134 16.02 -6.93 -9.48
N TYR B 135 16.52 -6.91 -8.26
CA TYR B 135 17.97 -6.98 -8.03
C TYR B 135 18.46 -8.46 -8.08
N GLY B 136 17.52 -9.40 -7.92
CA GLY B 136 17.76 -10.83 -8.00
C GLY B 136 17.54 -11.63 -6.72
N ASP B 137 17.81 -12.95 -6.81
CA ASP B 137 17.77 -13.92 -5.72
C ASP B 137 19.23 -14.32 -5.42
N GLN B 138 20.14 -13.68 -6.19
CA GLN B 138 21.59 -13.69 -6.04
C GLN B 138 21.88 -12.40 -5.22
N TYR B 139 20.82 -11.56 -5.06
CA TYR B 139 20.75 -10.33 -4.26
C TYR B 139 20.31 -10.81 -2.88
N ARG B 140 21.29 -11.17 -2.04
CA ARG B 140 21.01 -11.73 -0.73
C ARG B 140 20.82 -10.68 0.36
N ALA B 141 19.56 -10.59 0.85
CA ALA B 141 19.11 -9.78 1.98
C ALA B 141 19.69 -10.51 3.20
N THR B 142 20.38 -9.78 4.08
CA THR B 142 21.13 -10.38 5.17
C THR B 142 20.56 -10.02 6.54
N ASP B 143 19.52 -10.74 6.96
CA ASP B 143 18.91 -10.49 8.27
C ASP B 143 19.21 -11.67 9.21
N PHE B 144 19.29 -11.39 10.52
CA PHE B 144 19.58 -12.38 11.54
C PHE B 144 19.04 -11.94 12.87
N VAL B 145 18.87 -12.91 13.78
CA VAL B 145 18.43 -12.68 15.15
C VAL B 145 19.66 -12.28 15.95
N VAL B 146 19.49 -11.30 16.83
CA VAL B 146 20.52 -10.88 17.78
C VAL B 146 20.02 -11.53 19.09
N PRO B 147 20.60 -12.68 19.50
CA PRO B 147 20.02 -13.41 20.66
C PRO B 147 20.16 -12.74 22.02
N GLY B 148 21.11 -11.81 22.13
CA GLY B 148 21.38 -11.14 23.38
C GLY B 148 22.37 -10.00 23.22
N PRO B 149 22.78 -9.38 24.34
CA PRO B 149 23.67 -8.22 24.23
C PRO B 149 24.96 -8.43 23.44
N GLY B 150 25.37 -7.37 22.77
CA GLY B 150 26.56 -7.36 21.94
C GLY B 150 26.45 -6.29 20.88
N LYS B 151 27.53 -6.06 20.14
CA LYS B 151 27.53 -5.03 19.12
C LYS B 151 27.34 -5.59 17.73
N VAL B 152 26.56 -4.85 16.93
CA VAL B 152 26.37 -5.17 15.52
C VAL B 152 27.09 -4.03 14.78
N GLU B 153 27.99 -4.38 13.87
CA GLU B 153 28.77 -3.41 13.10
C GLU B 153 28.72 -3.81 11.63
N ILE B 154 28.82 -2.82 10.75
CA ILE B 154 28.86 -3.02 9.31
C ILE B 154 30.17 -2.41 8.81
N THR B 155 30.95 -3.21 8.06
CA THR B 155 32.24 -2.77 7.61
C THR B 155 32.34 -2.77 6.12
N TYR B 156 33.10 -1.82 5.58
CA TYR B 156 33.41 -1.79 4.17
C TYR B 156 34.94 -1.91 4.04
N THR B 157 35.37 -2.91 3.28
CA THR B 157 36.79 -3.18 3.04
C THR B 157 37.10 -2.96 1.55
N PRO B 158 37.74 -1.84 1.15
CA PRO B 158 38.04 -1.65 -0.28
C PRO B 158 38.89 -2.76 -0.90
N SER B 159 38.58 -3.13 -2.15
CA SER B 159 39.30 -4.15 -2.93
C SER B 159 40.80 -3.80 -3.09
N ASP B 160 41.16 -2.50 -3.07
CA ASP B 160 42.53 -2.04 -3.31
C ASP B 160 43.42 -2.03 -2.05
N GLY B 161 43.03 -2.71 -0.96
CA GLY B 161 43.84 -2.78 0.25
C GLY B 161 43.90 -1.53 1.12
N THR B 162 43.22 -0.44 0.70
CA THR B 162 43.14 0.84 1.43
C THR B 162 42.26 0.69 2.73
N GLN B 163 42.38 1.64 3.66
CA GLN B 163 41.74 1.66 4.98
C GLN B 163 40.25 1.17 5.06
N LYS B 164 40.01 0.09 5.82
CA LYS B 164 38.69 -0.48 6.11
C LYS B 164 37.88 0.55 6.93
N VAL B 165 36.56 0.69 6.66
CA VAL B 165 35.69 1.58 7.42
C VAL B 165 34.64 0.73 8.21
N THR B 166 34.46 0.98 9.52
CA THR B 166 33.52 0.26 10.38
C THR B 166 32.50 1.24 10.93
N TYR B 167 31.23 0.89 10.79
CA TYR B 167 30.12 1.68 11.29
C TYR B 167 29.39 0.87 12.36
N LEU B 168 29.05 1.51 13.47
CA LEU B 168 28.27 0.85 14.52
C LEU B 168 26.79 0.87 14.11
N VAL B 169 26.16 -0.32 14.02
CA VAL B 169 24.73 -0.37 13.70
C VAL B 169 24.00 -0.14 15.01
N HIS B 170 24.36 -0.93 16.04
CA HIS B 170 23.78 -0.80 17.38
C HIS B 170 24.58 -1.61 18.37
N ASN B 171 24.67 -1.10 19.59
CA ASN B 171 25.25 -1.87 20.68
C ASN B 171 24.04 -2.31 21.52
N PHE B 172 23.69 -3.61 21.44
CA PHE B 172 22.57 -4.16 22.22
C PHE B 172 23.09 -4.29 23.66
N GLU B 173 22.61 -3.43 24.56
CA GLU B 173 23.12 -3.39 25.93
C GLU B 173 22.32 -4.28 26.88
N GLU B 174 21.03 -4.47 26.56
CA GLU B 174 20.14 -5.34 27.30
C GLU B 174 19.23 -6.04 26.31
N GLY B 175 19.05 -7.34 26.46
CA GLY B 175 18.20 -8.13 25.59
C GLY B 175 18.72 -8.18 24.15
N GLY B 176 17.89 -8.66 23.25
CA GLY B 176 18.32 -8.81 21.87
C GLY B 176 17.42 -8.11 20.89
N GLY B 177 17.27 -8.76 19.74
CA GLY B 177 16.45 -8.25 18.69
C GLY B 177 16.82 -8.87 17.38
N VAL B 178 16.87 -8.03 16.36
CA VAL B 178 17.15 -8.44 15.02
C VAL B 178 17.97 -7.35 14.33
N ALA B 179 18.72 -7.74 13.32
CA ALA B 179 19.54 -6.80 12.57
C ALA B 179 19.59 -7.25 11.13
N MET B 180 19.86 -6.33 10.22
CA MET B 180 19.97 -6.68 8.81
C MET B 180 20.97 -5.80 8.10
N GLY B 181 21.44 -6.30 6.98
CA GLY B 181 22.33 -5.59 6.06
C GLY B 181 21.70 -5.65 4.69
N MET B 182 21.81 -4.53 3.92
CA MET B 182 21.25 -4.35 2.56
C MET B 182 22.22 -3.56 1.69
N TYR B 183 22.10 -3.68 0.36
CA TYR B 183 22.98 -2.98 -0.58
C TYR B 183 22.32 -2.79 -1.94
N ASN B 184 22.85 -1.86 -2.75
CA ASN B 184 22.47 -1.66 -4.14
C ASN B 184 23.68 -1.18 -4.90
N GLN B 185 23.93 -1.71 -6.09
CA GLN B 185 25.01 -1.28 -6.99
C GLN B 185 24.49 -0.09 -7.77
N ASP B 186 25.37 0.88 -8.09
CA ASP B 186 24.99 2.07 -8.88
C ASP B 186 24.40 1.68 -10.22
N LYS B 187 24.97 0.65 -10.86
CA LYS B 187 24.54 0.13 -12.16
C LYS B 187 23.07 -0.33 -12.11
N SER B 188 22.66 -0.97 -10.99
CA SER B 188 21.27 -1.41 -10.80
C SER B 188 20.32 -0.23 -10.68
N ILE B 189 20.76 0.88 -10.02
CA ILE B 189 19.96 2.11 -9.88
C ILE B 189 19.82 2.76 -11.26
N GLU B 190 20.93 2.83 -12.01
CA GLU B 190 20.99 3.39 -13.37
C GLU B 190 20.01 2.66 -14.31
N ASP B 191 20.02 1.29 -14.27
CA ASP B 191 19.12 0.44 -15.04
C ASP B 191 17.64 0.71 -14.71
N PHE B 192 17.35 0.86 -13.42
CA PHE B 192 16.02 1.14 -12.90
C PHE B 192 15.54 2.49 -13.42
N ALA B 193 16.47 3.47 -13.43
CA ALA B 193 16.19 4.84 -13.90
C ALA B 193 15.85 4.84 -15.40
N HIS B 194 16.72 4.24 -16.22
CA HIS B 194 16.55 4.14 -17.68
C HIS B 194 15.23 3.47 -18.08
N SER B 195 14.90 2.33 -17.44
CA SER B 195 13.63 1.62 -17.70
C SER B 195 12.46 2.53 -17.37
N SER B 196 12.54 3.26 -16.24
CA SER B 196 11.47 4.12 -15.80
C SER B 196 11.25 5.33 -16.74
N PHE B 197 12.35 5.99 -17.14
CA PHE B 197 12.26 7.12 -18.09
C PHE B 197 11.73 6.68 -19.45
N GLN B 198 12.19 5.53 -19.94
CA GLN B 198 11.74 5.00 -21.24
C GLN B 198 10.27 4.58 -21.22
N MET B 199 9.79 4.04 -20.07
CA MET B 199 8.41 3.63 -19.89
C MET B 199 7.51 4.88 -19.95
N ALA B 200 7.91 5.97 -19.25
CA ALA B 200 7.20 7.23 -19.23
C ALA B 200 7.09 7.88 -20.63
N LEU B 201 8.17 7.83 -21.44
CA LEU B 201 8.18 8.37 -22.82
C LEU B 201 7.34 7.50 -23.74
N SER B 202 7.43 6.17 -23.58
CA SER B 202 6.67 5.16 -24.32
C SER B 202 5.17 5.37 -24.17
N LYS B 203 4.72 5.77 -22.96
CA LYS B 203 3.33 5.98 -22.63
C LYS B 203 2.90 7.42 -22.80
N GLY B 204 3.86 8.34 -22.80
CA GLY B 204 3.61 9.78 -22.89
C GLY B 204 3.06 10.33 -21.59
N TRP B 205 3.50 9.75 -20.46
CA TRP B 205 3.03 10.12 -19.14
C TRP B 205 4.16 10.62 -18.23
N PRO B 206 3.86 11.40 -17.18
CA PRO B 206 4.94 11.80 -16.26
C PRO B 206 5.45 10.63 -15.39
N LEU B 207 6.67 10.76 -14.87
CA LEU B 207 7.30 9.77 -14.01
C LEU B 207 7.56 10.38 -12.64
N TYR B 208 7.26 9.60 -11.60
CA TYR B 208 7.58 9.91 -10.22
C TYR B 208 8.43 8.81 -9.66
N LEU B 209 9.43 9.19 -8.86
CA LEU B 209 10.26 8.25 -8.10
C LEU B 209 9.90 8.49 -6.64
N SER B 210 9.55 7.41 -5.93
CA SER B 210 9.26 7.54 -4.52
C SER B 210 10.37 6.90 -3.72
N THR B 211 10.79 7.57 -2.63
CA THR B 211 11.82 7.04 -1.71
C THR B 211 11.46 7.45 -0.26
N LYS B 212 12.34 7.09 0.67
CA LYS B 212 12.27 7.44 2.07
C LYS B 212 13.62 8.14 2.35
N ASN B 213 13.99 9.10 1.50
CA ASN B 213 15.31 9.75 1.64
C ASN B 213 15.42 10.66 2.89
N THR B 214 14.33 10.86 3.65
CA THR B 214 14.34 11.62 4.91
C THR B 214 14.94 10.74 5.99
N ILE B 215 14.68 9.40 5.92
CA ILE B 215 15.20 8.40 6.86
C ILE B 215 16.52 7.80 6.30
N LEU B 216 16.52 7.33 5.03
CA LEU B 216 17.71 6.77 4.39
C LEU B 216 18.38 7.86 3.56
N LYS B 217 18.95 8.88 4.25
CA LYS B 217 19.53 10.07 3.62
C LYS B 217 20.61 9.75 2.59
N LYS B 218 21.49 8.79 2.88
CA LYS B 218 22.53 8.46 1.93
C LYS B 218 22.06 7.38 0.94
N TYR B 219 21.39 6.32 1.46
CA TYR B 219 20.94 5.19 0.64
C TYR B 219 19.88 5.64 -0.39
N ASP B 220 18.77 6.21 0.06
CA ASP B 220 17.74 6.67 -0.86
C ASP B 220 18.12 7.95 -1.58
N GLY B 221 19.04 8.74 -0.99
CA GLY B 221 19.60 9.94 -1.62
C GLY B 221 20.34 9.62 -2.91
N ARG B 222 20.99 8.44 -2.96
CA ARG B 222 21.70 7.96 -4.13
C ARG B 222 20.73 7.66 -5.26
N PHE B 223 19.54 7.08 -4.95
CA PHE B 223 18.50 6.83 -5.97
C PHE B 223 18.02 8.16 -6.51
N LYS B 224 17.68 9.11 -5.61
CA LYS B 224 17.20 10.44 -5.95
C LYS B 224 18.25 11.17 -6.85
N ASP B 225 19.54 11.19 -6.47
CA ASP B 225 20.59 11.85 -7.26
C ASP B 225 20.84 11.22 -8.62
N ILE B 226 20.84 9.89 -8.71
CA ILE B 226 21.07 9.18 -9.97
C ILE B 226 19.92 9.42 -10.96
N PHE B 227 18.64 9.32 -10.49
CA PHE B 227 17.47 9.54 -11.34
C PHE B 227 17.48 10.99 -11.89
N GLN B 228 17.75 11.98 -11.01
CA GLN B 228 17.82 13.40 -11.35
C GLN B 228 18.91 13.68 -12.37
N GLU B 229 20.14 13.09 -12.19
CA GLU B 229 21.28 13.26 -13.10
C GLU B 229 20.94 12.71 -14.46
N ILE B 230 20.39 11.47 -14.52
CA ILE B 230 19.99 10.81 -15.76
C ILE B 230 18.91 11.62 -16.49
N TYR B 231 17.95 12.21 -15.73
CA TYR B 231 16.88 13.03 -16.30
C TYR B 231 17.46 14.27 -16.97
N ASP B 232 18.26 15.05 -16.20
CA ASP B 232 18.90 16.29 -16.66
C ASP B 232 19.78 16.09 -17.89
N LYS B 233 20.57 15.00 -17.92
CA LYS B 233 21.53 14.70 -18.98
C LYS B 233 20.98 13.94 -20.19
N GLN B 234 19.92 13.14 -20.02
CA GLN B 234 19.48 12.33 -21.14
C GLN B 234 18.00 12.39 -21.50
N TYR B 235 17.10 12.87 -20.62
CA TYR B 235 15.67 12.79 -20.92
C TYR B 235 14.87 14.08 -20.82
N LYS B 236 15.37 15.10 -20.09
CA LYS B 236 14.63 16.36 -19.87
C LYS B 236 14.02 16.98 -21.16
N SER B 237 14.81 17.06 -22.25
CA SER B 237 14.36 17.63 -23.54
C SER B 237 13.18 16.83 -24.08
N GLN B 238 13.33 15.49 -24.18
CA GLN B 238 12.30 14.56 -24.65
C GLN B 238 11.00 14.68 -23.86
N PHE B 239 11.09 14.77 -22.50
CA PHE B 239 9.93 14.92 -21.63
C PHE B 239 9.21 16.24 -21.88
N GLU B 240 9.95 17.37 -21.92
CA GLU B 240 9.40 18.72 -22.18
C GLU B 240 8.67 18.79 -23.54
N ALA B 241 9.18 18.06 -24.54
CA ALA B 241 8.62 17.94 -25.89
C ALA B 241 7.29 17.17 -25.90
N GLN B 242 7.03 16.34 -24.87
CA GLN B 242 5.81 15.55 -24.75
C GLN B 242 4.90 16.11 -23.65
N LYS B 243 5.28 17.29 -23.11
CA LYS B 243 4.60 18.03 -22.04
C LYS B 243 4.44 17.18 -20.76
N ILE B 244 5.44 16.32 -20.52
CA ILE B 244 5.50 15.47 -19.33
C ILE B 244 6.68 15.92 -18.47
N TRP B 245 6.85 15.32 -17.28
CA TRP B 245 7.91 15.72 -16.36
C TRP B 245 8.34 14.58 -15.46
N TYR B 246 9.49 14.78 -14.77
CA TYR B 246 9.98 13.82 -13.78
C TYR B 246 10.09 14.51 -12.43
N GLU B 247 9.51 13.92 -11.36
CA GLU B 247 9.62 14.45 -10.01
C GLU B 247 9.85 13.38 -8.97
N HIS B 248 10.63 13.71 -7.93
CA HIS B 248 10.84 12.82 -6.80
C HIS B 248 9.81 13.16 -5.73
N ARG B 249 9.33 12.12 -5.01
CA ARG B 249 8.36 12.26 -3.95
C ARG B 249 8.72 11.36 -2.79
N LEU B 250 8.36 11.77 -1.58
CA LEU B 250 8.49 10.90 -0.42
C LEU B 250 7.32 9.90 -0.56
N ILE B 251 7.52 8.63 -0.18
CA ILE B 251 6.50 7.57 -0.31
C ILE B 251 5.12 7.96 0.27
N ASP B 252 5.08 8.55 1.48
CA ASP B 252 3.82 8.95 2.12
C ASP B 252 3.05 10.00 1.31
N ASP B 253 3.78 10.96 0.76
CA ASP B 253 3.22 12.00 -0.10
C ASP B 253 2.75 11.40 -1.41
N MET B 254 3.53 10.46 -1.97
CA MET B 254 3.18 9.79 -3.23
C MET B 254 1.88 8.98 -3.10
N VAL B 255 1.74 8.19 -2.03
CA VAL B 255 0.51 7.40 -1.85
C VAL B 255 -0.72 8.32 -1.75
N ALA B 256 -0.64 9.37 -0.89
CA ALA B 256 -1.74 10.32 -0.72
C ALA B 256 -2.09 11.03 -2.04
N GLN B 257 -1.07 11.46 -2.80
CA GLN B 257 -1.22 12.14 -4.10
C GLN B 257 -1.83 11.22 -5.16
N ALA B 258 -1.38 9.95 -5.21
CA ALA B 258 -1.93 8.96 -6.16
C ALA B 258 -3.43 8.79 -5.93
N MET B 259 -3.83 8.68 -4.66
CA MET B 259 -5.23 8.46 -4.37
C MET B 259 -6.14 9.66 -4.69
N LYS B 260 -5.59 10.88 -4.83
CA LYS B 260 -6.37 12.07 -5.24
C LYS B 260 -6.16 12.40 -6.74
N SER B 261 -5.53 11.49 -7.44
CA SER B 261 -5.19 11.58 -8.86
C SER B 261 -6.26 10.91 -9.76
N GLU B 262 -6.18 11.16 -11.06
CA GLU B 262 -7.00 10.47 -12.08
C GLU B 262 -6.16 9.33 -12.74
N GLY B 263 -4.92 9.16 -12.27
CA GLY B 263 -3.99 8.16 -12.79
C GLY B 263 -3.26 8.68 -14.00
N GLY B 264 -2.65 7.78 -14.77
CA GLY B 264 -1.90 8.19 -15.94
C GLY B 264 -0.50 8.69 -15.63
N PHE B 265 0.24 7.90 -14.85
CA PHE B 265 1.65 8.19 -14.55
C PHE B 265 2.41 6.92 -14.25
N ILE B 266 3.75 7.03 -14.38
CA ILE B 266 4.67 5.97 -14.04
C ILE B 266 5.19 6.28 -12.63
N TRP B 267 5.36 5.25 -11.82
CA TRP B 267 5.79 5.42 -10.43
C TRP B 267 6.93 4.42 -10.17
N ALA B 268 8.16 4.88 -10.09
CA ALA B 268 9.29 4.01 -9.82
C ALA B 268 9.36 3.95 -8.29
N CYS B 269 9.07 2.79 -7.73
CA CYS B 269 8.97 2.64 -6.28
C CYS B 269 10.24 2.03 -5.65
N LYS B 270 11.02 2.86 -4.96
CA LYS B 270 12.19 2.37 -4.22
C LYS B 270 11.71 1.99 -2.78
N ASN B 271 11.62 0.69 -2.50
CA ASN B 271 11.19 0.21 -1.17
C ASN B 271 12.41 -0.25 -0.35
N TYR B 272 12.23 -0.61 0.95
CA TYR B 272 13.37 -1.04 1.75
C TYR B 272 13.92 -2.41 1.42
N ASP B 273 13.05 -3.44 1.30
CA ASP B 273 13.51 -4.83 1.15
C ASP B 273 13.78 -5.33 -0.29
N GLY B 274 13.59 -4.50 -1.29
CA GLY B 274 13.82 -4.89 -2.68
C GLY B 274 12.78 -5.81 -3.26
N ASP B 275 11.56 -5.90 -2.61
CA ASP B 275 10.46 -6.75 -3.09
C ASP B 275 10.00 -6.23 -4.46
N VAL B 276 9.54 -7.13 -5.31
CA VAL B 276 9.12 -6.81 -6.67
C VAL B 276 7.64 -7.24 -6.87
N GLN B 277 7.06 -7.88 -5.85
CA GLN B 277 5.67 -8.31 -5.85
C GLN B 277 4.74 -7.11 -5.71
N SER B 278 3.45 -7.30 -6.05
CA SER B 278 2.49 -6.21 -5.92
C SER B 278 2.25 -5.93 -4.45
N ASP B 279 1.94 -4.68 -4.14
CA ASP B 279 1.58 -4.29 -2.78
C ASP B 279 0.24 -4.99 -2.40
N SER B 280 -0.06 -5.07 -1.10
CA SER B 280 -1.25 -5.73 -0.53
C SER B 280 -2.60 -5.35 -1.14
N VAL B 281 -2.86 -4.05 -1.23
CA VAL B 281 -4.13 -3.51 -1.68
C VAL B 281 -4.34 -3.72 -3.19
N ALA B 282 -3.25 -3.76 -3.98
CA ALA B 282 -3.33 -4.03 -5.42
C ALA B 282 -3.89 -5.45 -5.67
N GLN B 283 -3.76 -6.35 -4.68
CA GLN B 283 -4.23 -7.72 -4.76
C GLN B 283 -5.74 -7.84 -4.86
N GLY B 284 -6.47 -6.87 -4.31
CA GLY B 284 -7.92 -6.82 -4.42
C GLY B 284 -8.33 -6.64 -5.86
N TYR B 285 -7.46 -6.04 -6.67
CA TYR B 285 -7.69 -5.86 -8.09
C TYR B 285 -6.99 -6.93 -8.97
N GLY B 286 -5.78 -7.35 -8.58
CA GLY B 286 -5.04 -8.40 -9.30
C GLY B 286 -5.76 -9.75 -9.23
N SER B 287 -6.46 -10.04 -8.09
CA SER B 287 -7.24 -11.28 -7.87
C SER B 287 -8.45 -11.37 -8.79
N LEU B 288 -8.79 -10.27 -9.47
CA LEU B 288 -9.90 -10.22 -10.44
C LEU B 288 -9.47 -10.73 -11.81
N GLY B 289 -8.15 -10.92 -12.04
CA GLY B 289 -7.63 -11.27 -13.36
C GLY B 289 -7.51 -10.01 -14.22
N MET B 290 -7.31 -8.83 -13.56
CA MET B 290 -7.27 -7.50 -14.22
C MET B 290 -5.94 -6.73 -14.11
N MET B 291 -4.82 -7.45 -13.93
CA MET B 291 -3.49 -6.82 -13.88
C MET B 291 -2.43 -7.66 -14.55
N THR B 292 -1.46 -7.01 -15.22
CA THR B 292 -0.29 -7.70 -15.79
C THR B 292 0.96 -7.27 -15.04
N SER B 293 2.04 -8.05 -15.22
CA SER B 293 3.36 -7.80 -14.70
C SER B 293 4.27 -7.91 -15.92
N VAL B 294 5.07 -6.87 -16.22
CA VAL B 294 5.98 -6.87 -17.36
C VAL B 294 7.41 -6.60 -16.85
N LEU B 295 8.32 -7.51 -17.13
CA LEU B 295 9.72 -7.35 -16.81
C LEU B 295 10.42 -6.59 -17.98
N VAL B 296 10.95 -5.41 -17.71
CA VAL B 296 11.62 -4.59 -18.73
C VAL B 296 13.13 -4.70 -18.44
N CYS B 297 13.85 -5.40 -19.31
CA CYS B 297 15.27 -5.70 -19.09
C CYS B 297 16.23 -4.50 -19.29
N PRO B 298 17.46 -4.57 -18.69
CA PRO B 298 18.41 -3.44 -18.79
C PRO B 298 18.91 -3.06 -20.20
N ASP B 299 18.84 -3.98 -21.18
CA ASP B 299 19.22 -3.69 -22.59
C ASP B 299 18.29 -2.72 -23.34
N GLY B 300 17.08 -2.52 -22.81
CA GLY B 300 16.09 -1.66 -23.46
C GLY B 300 15.48 -2.31 -24.69
N LYS B 301 15.59 -3.65 -24.79
CA LYS B 301 15.06 -4.42 -25.93
C LYS B 301 14.26 -5.65 -25.51
N THR B 302 14.60 -6.24 -24.36
CA THR B 302 13.98 -7.47 -23.88
C THR B 302 12.86 -7.23 -22.90
N VAL B 303 11.71 -7.83 -23.15
CA VAL B 303 10.56 -7.76 -22.24
C VAL B 303 10.00 -9.15 -22.02
N GLU B 304 9.46 -9.39 -20.83
CA GLU B 304 8.78 -10.62 -20.49
C GLU B 304 7.45 -10.25 -19.80
N ALA B 305 6.33 -10.67 -20.38
CA ALA B 305 4.99 -10.31 -19.89
C ALA B 305 4.21 -11.50 -19.37
N GLU B 306 3.48 -11.28 -18.27
CA GLU B 306 2.66 -12.32 -17.67
C GLU B 306 1.50 -11.71 -16.90
N ALA B 307 0.48 -12.54 -16.61
CA ALA B 307 -0.68 -12.12 -15.81
C ALA B 307 -0.22 -11.96 -14.36
N ALA B 308 -0.74 -10.95 -13.62
CA ALA B 308 -0.36 -10.77 -12.19
C ALA B 308 -1.34 -11.53 -11.29
N HIS B 309 -1.36 -12.87 -11.44
CA HIS B 309 -2.17 -13.77 -10.60
C HIS B 309 -1.58 -15.16 -10.76
N GLY B 310 -2.08 -16.14 -10.01
CA GLY B 310 -1.56 -17.50 -10.10
C GLY B 310 -2.33 -18.40 -11.04
N THR B 311 -2.23 -19.71 -10.81
CA THR B 311 -2.82 -20.74 -11.66
C THR B 311 -4.33 -20.95 -11.43
N VAL B 312 -4.94 -20.29 -10.41
CA VAL B 312 -6.39 -20.38 -10.11
C VAL B 312 -6.80 -21.84 -9.83
N THR B 313 -6.06 -22.47 -8.90
CA THR B 313 -6.23 -23.87 -8.45
C THR B 313 -7.68 -24.20 -8.14
N ARG B 314 -8.37 -23.33 -7.37
CA ARG B 314 -9.76 -23.54 -6.99
C ARG B 314 -10.65 -23.80 -8.21
N HIS B 315 -10.50 -23.01 -9.28
CA HIS B 315 -11.26 -23.21 -10.51
C HIS B 315 -10.81 -24.47 -11.23
N TYR B 316 -9.53 -24.78 -11.19
CA TYR B 316 -9.02 -25.97 -11.88
C TYR B 316 -9.62 -27.25 -11.28
N ARG B 317 -9.82 -27.29 -9.94
CA ARG B 317 -10.41 -28.46 -9.26
C ARG B 317 -11.84 -28.69 -9.77
N MET B 318 -12.62 -27.60 -9.97
CA MET B 318 -13.99 -27.64 -10.52
C MET B 318 -13.96 -28.16 -11.93
N TYR B 319 -13.04 -27.62 -12.74
CA TYR B 319 -12.83 -28.07 -14.10
C TYR B 319 -12.48 -29.59 -14.14
N GLN B 320 -11.61 -30.06 -13.22
CA GLN B 320 -11.23 -31.48 -13.16
C GLN B 320 -12.44 -32.41 -12.84
N LYS B 321 -13.44 -31.91 -12.07
CA LYS B 321 -14.65 -32.65 -11.68
C LYS B 321 -15.78 -32.48 -12.71
N GLY B 322 -15.49 -31.81 -13.82
CA GLY B 322 -16.46 -31.54 -14.88
C GLY B 322 -17.45 -30.45 -14.53
N GLN B 323 -17.15 -29.62 -13.51
CA GLN B 323 -18.01 -28.52 -13.08
C GLN B 323 -17.76 -27.28 -13.96
N GLU B 324 -18.81 -26.46 -14.14
CA GLU B 324 -18.74 -25.20 -14.89
C GLU B 324 -17.81 -24.24 -14.12
N THR B 325 -16.96 -23.49 -14.85
CA THR B 325 -16.03 -22.51 -14.25
C THR B 325 -16.23 -21.19 -14.94
N SER B 326 -15.77 -20.11 -14.33
CA SER B 326 -15.86 -18.78 -14.91
C SER B 326 -14.56 -18.08 -14.55
N THR B 327 -13.50 -18.38 -15.29
CA THR B 327 -12.18 -17.80 -15.00
C THR B 327 -11.91 -16.63 -15.93
N ASN B 328 -11.45 -15.51 -15.38
CA ASN B 328 -11.19 -14.30 -16.16
C ASN B 328 -9.87 -14.41 -16.94
N PRO B 329 -9.94 -14.40 -18.30
CA PRO B 329 -8.71 -14.54 -19.08
C PRO B 329 -8.00 -13.21 -19.41
N ILE B 330 -8.60 -12.05 -19.01
CA ILE B 330 -8.12 -10.70 -19.40
C ILE B 330 -6.64 -10.49 -19.16
N ALA B 331 -6.15 -10.77 -17.93
CA ALA B 331 -4.73 -10.57 -17.58
C ALA B 331 -3.82 -11.42 -18.49
N SER B 332 -4.19 -12.70 -18.78
CA SER B 332 -3.45 -13.60 -19.69
C SER B 332 -3.45 -13.08 -21.15
N ILE B 333 -4.59 -12.52 -21.60
CA ILE B 333 -4.72 -11.91 -22.93
C ILE B 333 -3.80 -10.68 -23.02
N PHE B 334 -3.77 -9.86 -21.97
CA PHE B 334 -2.94 -8.66 -21.96
C PHE B 334 -1.46 -8.99 -21.84
N ALA B 335 -1.11 -10.18 -21.30
CA ALA B 335 0.29 -10.63 -21.33
C ALA B 335 0.69 -10.81 -22.84
N TRP B 336 -0.22 -11.45 -23.65
CA TRP B 336 0.01 -11.62 -25.09
C TRP B 336 0.07 -10.28 -25.85
N THR B 337 -0.90 -9.39 -25.65
CA THR B 337 -0.96 -8.10 -26.35
C THR B 337 0.19 -7.19 -26.00
N ARG B 338 0.61 -7.17 -24.73
CA ARG B 338 1.73 -6.35 -24.30
C ARG B 338 3.02 -6.92 -24.90
N GLY B 339 3.09 -8.25 -25.00
CA GLY B 339 4.24 -8.92 -25.63
C GLY B 339 4.31 -8.64 -27.12
N LEU B 340 3.19 -8.84 -27.83
CA LEU B 340 3.05 -8.62 -29.29
C LEU B 340 3.28 -7.16 -29.67
N ALA B 341 2.82 -6.21 -28.84
CA ALA B 341 3.04 -4.78 -29.07
C ALA B 341 4.54 -4.47 -29.01
N HIS B 342 5.30 -5.12 -28.09
CA HIS B 342 6.73 -4.91 -27.99
C HIS B 342 7.45 -5.50 -29.22
N ARG B 343 7.02 -6.71 -29.64
CA ARG B 343 7.54 -7.36 -30.84
C ARG B 343 7.33 -6.43 -32.08
N ALA B 344 6.12 -5.84 -32.20
CA ALA B 344 5.77 -4.93 -33.28
C ALA B 344 6.64 -3.67 -33.29
N LYS B 345 6.95 -3.12 -32.11
CA LYS B 345 7.81 -1.95 -31.94
C LYS B 345 9.24 -2.25 -32.40
N LEU B 346 9.81 -3.40 -31.99
CA LEU B 346 11.17 -3.80 -32.35
C LEU B 346 11.35 -4.04 -33.82
N ASP B 347 10.32 -4.59 -34.48
CA ASP B 347 10.34 -4.94 -35.90
C ASP B 347 9.70 -3.90 -36.80
N ASN B 348 9.14 -2.79 -36.22
CA ASN B 348 8.40 -1.75 -36.95
C ASN B 348 7.27 -2.40 -37.77
N ASN B 349 6.51 -3.32 -37.12
CA ASN B 349 5.44 -4.09 -37.75
C ASN B 349 4.10 -3.44 -37.41
N LYS B 350 3.63 -2.53 -38.31
CA LYS B 350 2.39 -1.78 -38.17
C LYS B 350 1.16 -2.65 -38.04
N GLU B 351 1.09 -3.72 -38.83
CA GLU B 351 -0.05 -4.66 -38.82
C GLU B 351 -0.14 -5.39 -37.46
N LEU B 352 1.01 -5.79 -36.89
CA LEU B 352 1.01 -6.49 -35.60
C LEU B 352 0.64 -5.52 -34.48
N ALA B 353 1.14 -4.27 -34.57
CA ALA B 353 0.85 -3.21 -33.60
C ALA B 353 -0.63 -2.91 -33.58
N PHE B 354 -1.28 -2.85 -34.77
CA PHE B 354 -2.72 -2.65 -34.87
C PHE B 354 -3.44 -3.82 -34.21
N PHE B 355 -3.06 -5.06 -34.55
CA PHE B 355 -3.71 -6.23 -34.00
C PHE B 355 -3.71 -6.25 -32.45
N ALA B 356 -2.54 -6.11 -31.82
CA ALA B 356 -2.35 -6.11 -30.38
C ALA B 356 -3.29 -5.06 -29.72
N ASN B 357 -3.33 -3.84 -30.28
CA ASN B 357 -4.21 -2.75 -29.78
C ASN B 357 -5.68 -3.11 -29.96
N ALA B 358 -6.05 -3.71 -31.12
CA ALA B 358 -7.42 -4.12 -31.39
C ALA B 358 -7.91 -5.18 -30.41
N LEU B 359 -7.05 -6.15 -30.05
CA LEU B 359 -7.40 -7.22 -29.11
C LEU B 359 -7.63 -6.66 -27.69
N GLU B 360 -6.82 -5.66 -27.31
CA GLU B 360 -6.97 -4.95 -26.03
C GLU B 360 -8.30 -4.23 -25.99
N GLU B 361 -8.64 -3.50 -27.09
CA GLU B 361 -9.89 -2.76 -27.17
C GLU B 361 -11.09 -3.68 -27.13
N VAL B 362 -11.06 -4.78 -27.89
CA VAL B 362 -12.12 -5.79 -27.92
C VAL B 362 -12.40 -6.34 -26.50
N SER B 363 -11.32 -6.65 -25.75
CA SER B 363 -11.41 -7.21 -24.39
C SER B 363 -12.10 -6.26 -23.44
N ILE B 364 -11.67 -5.00 -23.41
CA ILE B 364 -12.26 -3.97 -22.56
C ILE B 364 -13.73 -3.70 -22.99
N GLU B 365 -13.99 -3.64 -24.30
CA GLU B 365 -15.31 -3.34 -24.84
C GLU B 365 -16.31 -4.43 -24.51
N THR B 366 -15.87 -5.71 -24.54
CA THR B 366 -16.74 -6.85 -24.25
C THR B 366 -17.26 -6.75 -22.82
N ILE B 367 -16.36 -6.48 -21.85
CA ILE B 367 -16.69 -6.32 -20.43
C ILE B 367 -17.60 -5.10 -20.24
N GLU B 368 -17.23 -3.97 -20.86
CA GLU B 368 -18.00 -2.73 -20.78
C GLU B 368 -19.42 -2.83 -21.39
N ALA B 369 -19.62 -3.75 -22.36
CA ALA B 369 -20.93 -4.03 -22.97
C ALA B 369 -21.74 -4.99 -22.06
N GLY B 370 -21.14 -5.42 -20.95
CA GLY B 370 -21.80 -6.25 -19.96
C GLY B 370 -21.60 -7.75 -20.07
N PHE B 371 -20.59 -8.20 -20.83
CA PHE B 371 -20.29 -9.65 -21.00
C PHE B 371 -19.01 -9.92 -20.21
N MET B 372 -19.14 -10.69 -19.11
CA MET B 372 -18.02 -10.87 -18.20
C MET B 372 -18.12 -12.16 -17.43
N THR B 373 -17.03 -12.52 -16.76
CA THR B 373 -16.95 -13.71 -15.91
C THR B 373 -17.53 -13.38 -14.53
N LYS B 374 -17.82 -14.42 -13.72
CA LYS B 374 -18.48 -14.31 -12.42
C LYS B 374 -17.85 -13.33 -11.47
N ASP B 375 -16.51 -13.38 -11.32
CA ASP B 375 -15.82 -12.48 -10.40
C ASP B 375 -16.02 -11.01 -10.71
N LEU B 376 -16.11 -10.65 -12.00
CA LEU B 376 -16.36 -9.26 -12.41
C LEU B 376 -17.82 -8.89 -12.15
N ALA B 377 -18.75 -9.83 -12.39
CA ALA B 377 -20.18 -9.61 -12.10
C ALA B 377 -20.38 -9.38 -10.58
N ALA B 378 -19.63 -10.13 -9.74
CA ALA B 378 -19.63 -10.00 -8.27
C ALA B 378 -19.07 -8.64 -7.82
N CYS B 379 -18.09 -8.06 -8.54
CA CYS B 379 -17.57 -6.71 -8.26
C CYS B 379 -18.62 -5.65 -8.35
N ILE B 380 -19.46 -5.76 -9.37
CA ILE B 380 -20.51 -4.77 -9.60
C ILE B 380 -21.69 -4.97 -8.65
N LYS B 381 -22.22 -6.19 -8.60
CA LYS B 381 -23.45 -6.55 -7.91
C LYS B 381 -23.32 -7.04 -6.46
N GLY B 382 -22.17 -7.57 -6.11
CA GLY B 382 -21.94 -8.20 -4.82
C GLY B 382 -22.17 -9.68 -5.03
N LEU B 383 -21.25 -10.55 -4.55
CA LEU B 383 -21.34 -12.00 -4.72
C LEU B 383 -22.70 -12.61 -4.25
N PRO B 384 -23.31 -12.21 -3.10
CA PRO B 384 -24.62 -12.82 -2.75
C PRO B 384 -25.75 -12.49 -3.74
N ASN B 385 -25.63 -11.42 -4.52
CA ASN B 385 -26.67 -10.98 -5.46
C ASN B 385 -26.45 -11.43 -6.91
N VAL B 386 -25.36 -12.15 -7.19
CA VAL B 386 -25.02 -12.60 -8.55
C VAL B 386 -25.89 -13.77 -8.97
N GLN B 387 -26.54 -13.64 -10.14
CA GLN B 387 -27.36 -14.69 -10.73
C GLN B 387 -26.60 -15.25 -11.94
N ARG B 388 -26.90 -16.48 -12.35
CA ARG B 388 -26.24 -17.11 -13.50
C ARG B 388 -26.32 -16.26 -14.79
N SER B 389 -27.43 -15.49 -14.97
CA SER B 389 -27.66 -14.63 -16.14
C SER B 389 -26.79 -13.36 -16.14
N ASP B 390 -26.06 -13.08 -15.05
CA ASP B 390 -25.18 -11.93 -14.90
C ASP B 390 -23.78 -12.17 -15.46
N TYR B 391 -23.41 -13.44 -15.73
CA TYR B 391 -22.05 -13.73 -16.19
C TYR B 391 -21.98 -14.83 -17.25
N LEU B 392 -20.77 -15.02 -17.80
CA LEU B 392 -20.49 -16.05 -18.81
C LEU B 392 -19.47 -16.99 -18.20
N ASN B 393 -19.55 -18.27 -18.57
CA ASN B 393 -18.57 -19.22 -18.10
C ASN B 393 -17.29 -18.98 -18.94
N THR B 394 -16.18 -19.58 -18.52
CA THR B 394 -14.87 -19.44 -19.18
C THR B 394 -14.96 -19.54 -20.71
N PHE B 395 -15.52 -20.64 -21.20
CA PHE B 395 -15.66 -20.95 -22.63
C PHE B 395 -16.60 -19.99 -23.36
N GLU B 396 -17.76 -19.62 -22.74
CA GLU B 396 -18.72 -18.67 -23.33
C GLU B 396 -18.06 -17.29 -23.50
N PHE B 397 -17.30 -16.84 -22.48
CA PHE B 397 -16.61 -15.54 -22.51
C PHE B 397 -15.54 -15.51 -23.62
N MET B 398 -14.76 -16.59 -23.76
CA MET B 398 -13.76 -16.69 -24.82
C MET B 398 -14.44 -16.67 -26.19
N ASP B 399 -15.60 -17.34 -26.31
CA ASP B 399 -16.38 -17.34 -27.56
C ASP B 399 -16.84 -15.92 -27.93
N LYS B 400 -17.34 -15.14 -26.92
CA LYS B 400 -17.79 -13.77 -27.13
C LYS B 400 -16.61 -12.89 -27.57
N LEU B 401 -15.43 -13.06 -26.93
CA LEU B 401 -14.25 -12.29 -27.32
C LEU B 401 -13.88 -12.59 -28.78
N GLY B 402 -13.86 -13.86 -29.15
CA GLY B 402 -13.54 -14.30 -30.51
C GLY B 402 -14.49 -13.70 -31.54
N GLU B 403 -15.82 -13.71 -31.25
CA GLU B 403 -16.86 -13.14 -32.15
C GLU B 403 -16.62 -11.63 -32.31
N ASN B 404 -16.38 -10.93 -31.17
CA ASN B 404 -16.15 -9.50 -31.14
C ASN B 404 -14.87 -9.10 -31.84
N LEU B 405 -13.82 -9.94 -31.75
CA LEU B 405 -12.54 -9.67 -32.43
C LEU B 405 -12.70 -9.78 -33.94
N LYS B 406 -13.48 -10.77 -34.39
CA LYS B 406 -13.74 -10.99 -35.81
C LYS B 406 -14.41 -9.74 -36.44
N ILE B 407 -15.46 -9.20 -35.76
CA ILE B 407 -16.20 -8.00 -36.15
C ILE B 407 -15.28 -6.78 -36.21
N LYS B 408 -14.48 -6.60 -35.16
CA LYS B 408 -13.55 -5.49 -35.04
C LYS B 408 -12.53 -5.45 -36.17
N LEU B 409 -11.93 -6.60 -36.49
CA LEU B 409 -10.94 -6.69 -37.56
C LEU B 409 -11.58 -6.51 -38.97
N ALA B 410 -12.86 -6.90 -39.14
CA ALA B 410 -13.62 -6.69 -40.38
C ALA B 410 -13.85 -5.19 -40.59
N GLN B 411 -14.20 -4.46 -39.52
CA GLN B 411 -14.41 -3.00 -39.51
C GLN B 411 -13.13 -2.22 -39.86
N ALA B 412 -11.97 -2.73 -39.43
CA ALA B 412 -10.65 -2.15 -39.68
C ALA B 412 -10.29 -2.15 -41.18
N LYS B 413 -10.79 -3.15 -41.92
CA LYS B 413 -10.54 -3.28 -43.36
C LYS B 413 -11.20 -2.16 -44.17
N LEU B 414 -12.32 -1.56 -43.68
CA LEU B 414 -13.05 -0.48 -44.35
C LEU B 414 -14.17 0.08 -43.47
#